data_3FNE
#
_entry.id   3FNE
#
_cell.length_a   125.593
_cell.length_b   92.340
_cell.length_c   103.016
_cell.angle_alpha   90.00
_cell.angle_beta   106.40
_cell.angle_gamma   90.00
#
_symmetry.space_group_name_H-M   'C 1 2 1'
#
loop_
_entity.id
_entity.type
_entity.pdbx_description
1 polymer 'Enoyl-[acyl-carrier-protein] reductase [NADH]'
2 non-polymer NICOTINAMIDE-ADENINE-DINUCLEOTIDE
3 non-polymer 2-(2,4-DICHLOROPHENOXY)-5-(PYRIDIN-2-YLMETHYL)PHENOL
4 water water
#
_entity_poly.entity_id   1
_entity_poly.type   'polypeptide(L)'
_entity_poly.pdbx_seq_one_letter_code
;MTGLLDGKRILVSGIITDSSIAFHIARVAQEQGAQLVLTGFDRLRLIQRITDRLPAKAPLLELDVQNEEHLASLAGRVTE
AIGAGNKLDGVVHSIGFMPQTGMGINPFFDAPYADVSKGIHISAYSYASMAKALLPIMNPGGSIVGMDFDPSRAMPAYNW
MTVAKSALESVNRFVAREAGKYGVRSNLVAAGPIRTLAMSAIVGGALGEEAGAQIQLLEEGWDQRAPIGWNMKDATPVAK
TVCALLSDWLPATTGDIIYADGGAHTQLL
;
_entity_poly.pdbx_strand_id   A,B,C,D
#
loop_
_chem_comp.id
_chem_comp.type
_chem_comp.name
_chem_comp.formula
8PC non-polymer 2-(2,4-DICHLOROPHENOXY)-5-(PYRIDIN-2-YLMETHYL)PHENOL 'C18 H13 Cl2 N O2'
NAD non-polymer NICOTINAMIDE-ADENINE-DINUCLEOTIDE 'C21 H27 N7 O14 P2'
#
# COMPACT_ATOMS: atom_id res chain seq x y z
N THR A 2 20.18 -25.70 21.76
CA THR A 2 19.69 -24.55 20.95
C THR A 2 18.24 -24.78 20.53
N GLY A 3 17.97 -24.63 19.25
CA GLY A 3 16.61 -24.72 18.78
C GLY A 3 15.97 -23.35 18.94
N LEU A 4 15.68 -22.73 17.80
CA LEU A 4 14.93 -21.48 17.76
C LEU A 4 13.65 -21.54 18.60
N LEU A 5 13.06 -22.72 18.66
CA LEU A 5 11.76 -22.93 19.29
C LEU A 5 11.84 -23.85 20.52
N ASP A 6 13.04 -23.99 21.08
CA ASP A 6 13.30 -24.83 22.24
C ASP A 6 12.27 -24.61 23.35
N GLY A 7 11.54 -25.65 23.73
CA GLY A 7 10.58 -25.58 24.83
C GLY A 7 9.18 -25.07 24.46
N LYS A 8 9.00 -24.66 23.21
CA LYS A 8 7.70 -24.11 22.81
C LYS A 8 6.72 -25.22 22.45
N ARG A 9 5.48 -25.03 22.88
CA ARG A 9 4.40 -25.92 22.50
C ARG A 9 3.57 -25.20 21.44
N ILE A 10 3.47 -25.84 20.28
CA ILE A 10 2.87 -25.25 19.08
C ILE A 10 1.86 -26.15 18.37
N LEU A 11 0.69 -25.58 18.12
CA LEU A 11 -0.36 -26.18 17.32
C LEU A 11 -0.14 -25.85 15.83
N VAL A 12 -0.12 -26.90 14.99
CA VAL A 12 0.03 -26.74 13.54
C VAL A 12 -1.13 -27.46 12.83
N SER A 13 -1.97 -26.66 12.17
CA SER A 13 -3.08 -27.17 11.35
C SER A 13 -2.64 -27.19 9.88
N GLY A 14 -3.37 -27.92 9.04
CA GLY A 14 -3.19 -27.88 7.59
C GLY A 14 -2.36 -28.96 6.91
N ILE A 15 -1.88 -29.98 7.66
CA ILE A 15 -1.15 -31.07 6.99
C ILE A 15 -2.15 -31.93 6.23
N ILE A 16 -1.96 -32.07 4.91
CA ILE A 16 -2.72 -33.04 4.12
C ILE A 16 -1.82 -33.99 3.31
N THR A 17 -0.75 -33.45 2.73
CA THR A 17 0.25 -34.21 2.01
C THR A 17 1.62 -33.84 2.57
N ASP A 18 2.64 -34.65 2.28
CA ASP A 18 4.00 -34.29 2.73
C ASP A 18 4.55 -33.12 1.91
N SER A 19 3.75 -32.63 0.97
CA SER A 19 4.13 -31.40 0.25
C SER A 19 3.41 -30.15 0.79
N SER A 20 2.41 -30.35 1.65
CA SER A 20 1.73 -29.25 2.37
C SER A 20 2.74 -28.32 3.02
N ILE A 21 2.46 -27.01 2.93
CA ILE A 21 3.25 -26.02 3.65
C ILE A 21 3.29 -26.34 5.17
N ALA A 22 2.15 -26.75 5.74
CA ALA A 22 2.05 -27.16 7.17
C ALA A 22 2.97 -28.32 7.54
N PHE A 23 3.15 -29.27 6.63
CA PHE A 23 4.10 -30.35 6.85
C PHE A 23 5.48 -29.80 7.13
N HIS A 24 5.94 -28.93 6.24
CA HIS A 24 7.28 -28.38 6.27
C HIS A 24 7.47 -27.39 7.41
N ILE A 25 6.42 -26.65 7.74
CA ILE A 25 6.45 -25.78 8.93
C ILE A 25 6.67 -26.66 10.17
N ALA A 26 5.94 -27.76 10.24
CA ALA A 26 6.07 -28.71 11.36
C ALA A 26 7.45 -29.37 11.45
N ARG A 27 7.99 -29.83 10.32
CA ARG A 27 9.34 -30.41 10.27
C ARG A 27 10.38 -29.43 10.85
N VAL A 28 10.34 -28.19 10.38
CA VAL A 28 11.31 -27.20 10.85
C VAL A 28 11.11 -26.86 12.35
N ALA A 29 9.85 -26.68 12.76
CA ALA A 29 9.56 -26.45 14.19
C ALA A 29 10.20 -27.53 15.08
N GLN A 30 9.96 -28.80 14.74
CA GLN A 30 10.50 -29.94 15.52
C GLN A 30 12.04 -29.95 15.52
N GLU A 31 12.62 -29.75 14.34
CA GLU A 31 14.05 -29.58 14.16
C GLU A 31 14.62 -28.51 15.08
N GLN A 32 13.78 -27.53 15.40
CA GLN A 32 14.15 -26.39 16.25
C GLN A 32 13.65 -26.52 17.69
N GLY A 33 13.21 -27.72 18.05
CA GLY A 33 12.94 -28.07 19.44
C GLY A 33 11.54 -27.86 19.95
N ALA A 34 10.61 -27.52 19.06
CA ALA A 34 9.23 -27.25 19.45
C ALA A 34 8.55 -28.58 19.71
N GLN A 35 7.64 -28.57 20.67
CA GLN A 35 6.78 -29.71 20.98
C GLN A 35 5.44 -29.44 20.33
N LEU A 36 5.00 -30.31 19.43
CA LEU A 36 3.88 -30.00 18.54
C LEU A 36 2.60 -30.73 18.84
N VAL A 37 1.49 -30.05 18.56
CA VAL A 37 0.18 -30.67 18.41
C VAL A 37 -0.33 -30.40 16.98
N LEU A 38 -0.77 -31.45 16.33
CA LEU A 38 -1.20 -31.39 14.95
C LEU A 38 -2.72 -31.48 14.85
N THR A 39 -3.32 -30.69 13.97
CA THR A 39 -4.75 -30.85 13.68
C THR A 39 -4.92 -31.14 12.20
N GLY A 40 -5.86 -32.03 11.90
CA GLY A 40 -6.04 -32.53 10.53
C GLY A 40 -7.52 -32.53 10.20
N PHE A 41 -7.83 -32.40 8.91
CA PHE A 41 -9.22 -32.18 8.57
C PHE A 41 -10.04 -33.44 8.29
N ASP A 42 -9.85 -34.10 7.16
CA ASP A 42 -10.91 -35.03 6.78
C ASP A 42 -10.51 -36.51 6.86
N ARG A 43 -9.48 -36.86 6.12
CA ARG A 43 -9.01 -38.23 6.04
C ARG A 43 -7.90 -38.37 7.07
N LEU A 44 -8.30 -38.57 8.33
CA LEU A 44 -7.37 -38.56 9.44
C LEU A 44 -6.37 -39.72 9.43
N ARG A 45 -6.81 -40.87 8.93
CA ARG A 45 -5.95 -42.06 8.82
C ARG A 45 -4.84 -41.83 7.81
N LEU A 46 -5.20 -41.17 6.71
CA LEU A 46 -4.25 -40.70 5.70
C LEU A 46 -3.32 -39.60 6.27
N ILE A 47 -3.86 -38.66 7.03
CA ILE A 47 -3.04 -37.59 7.58
C ILE A 47 -2.01 -38.15 8.58
N GLN A 48 -2.45 -39.07 9.43
CA GLN A 48 -1.58 -39.78 10.37
C GLN A 48 -0.37 -40.45 9.72
N ARG A 49 -0.58 -41.15 8.60
CA ARG A 49 0.55 -41.75 7.89
C ARG A 49 1.52 -40.70 7.36
N ILE A 50 1.00 -39.54 6.97
CA ILE A 50 1.83 -38.41 6.54
C ILE A 50 2.58 -37.79 7.73
N THR A 51 1.88 -37.61 8.86
CA THR A 51 2.50 -37.00 10.05
C THR A 51 3.49 -37.98 10.72
N ASP A 52 3.31 -39.28 10.44
CA ASP A 52 4.29 -40.31 10.80
C ASP A 52 5.67 -40.00 10.21
N ARG A 53 5.71 -39.26 9.10
CA ARG A 53 6.96 -38.87 8.42
C ARG A 53 7.74 -37.72 9.08
N LEU A 54 7.11 -37.05 10.04
CA LEU A 54 7.78 -36.02 10.85
C LEU A 54 8.90 -36.65 11.72
N PRO A 55 9.96 -35.88 12.01
CA PRO A 55 11.07 -36.38 12.83
C PRO A 55 10.76 -36.68 14.33
N ALA A 56 9.62 -36.22 14.85
CA ALA A 56 9.23 -36.49 16.23
C ALA A 56 7.73 -36.78 16.36
N LYS A 57 7.32 -37.48 17.44
CA LYS A 57 5.90 -37.68 17.73
C LYS A 57 5.21 -36.33 17.93
N ALA A 58 3.94 -36.29 17.55
CA ALA A 58 3.08 -35.13 17.73
C ALA A 58 1.67 -35.69 17.72
N PRO A 59 0.88 -35.44 18.78
CA PRO A 59 -0.51 -35.95 18.65
C PRO A 59 -1.29 -35.26 17.52
N LEU A 60 -2.13 -36.02 16.83
CA LEU A 60 -2.99 -35.49 15.79
C LEU A 60 -4.44 -35.41 16.27
N LEU A 61 -5.04 -34.22 16.15
CA LEU A 61 -6.43 -33.97 16.58
C LEU A 61 -7.29 -33.62 15.36
N GLU A 62 -8.53 -34.09 15.33
CA GLU A 62 -9.46 -33.71 14.24
C GLU A 62 -10.00 -32.29 14.44
N LEU A 63 -9.80 -31.45 13.42
CA LEU A 63 -10.43 -30.14 13.38
C LEU A 63 -10.95 -29.81 11.99
N ASP A 64 -12.27 -29.93 11.84
CA ASP A 64 -13.01 -29.38 10.71
C ASP A 64 -13.42 -28.01 11.19
N VAL A 65 -12.83 -27.00 10.58
CA VAL A 65 -13.00 -25.64 11.04
C VAL A 65 -14.41 -25.03 10.75
N GLN A 66 -15.24 -25.74 9.98
CA GLN A 66 -16.66 -25.39 9.84
C GLN A 66 -17.57 -26.06 10.89
N ASN A 67 -16.99 -26.95 11.69
CA ASN A 67 -17.73 -27.71 12.72
C ASN A 67 -17.60 -26.94 14.03
N GLU A 68 -18.68 -26.29 14.45
CA GLU A 68 -18.66 -25.49 15.68
C GLU A 68 -18.35 -26.35 16.93
N GLU A 69 -18.72 -27.63 16.85
CA GLU A 69 -18.45 -28.60 17.91
C GLU A 69 -16.95 -28.96 18.03
N HIS A 70 -16.26 -29.14 16.90
CA HIS A 70 -14.79 -29.31 16.90
C HIS A 70 -14.09 -28.09 17.51
N LEU A 71 -14.63 -26.90 17.28
CA LEU A 71 -14.07 -25.68 17.87
C LEU A 71 -14.36 -25.51 19.37
N ALA A 72 -15.58 -25.82 19.79
CA ALA A 72 -15.95 -25.77 21.21
C ALA A 72 -15.07 -26.67 22.08
N SER A 73 -14.83 -27.89 21.62
CA SER A 73 -14.05 -28.89 22.37
C SER A 73 -12.53 -28.75 22.25
N LEU A 74 -12.07 -28.02 21.22
CA LEU A 74 -10.64 -27.91 20.87
C LEU A 74 -9.65 -27.52 21.98
N ALA A 75 -9.91 -26.46 22.72
CA ALA A 75 -8.97 -26.05 23.77
C ALA A 75 -8.81 -27.17 24.80
N GLY A 76 -9.93 -27.81 25.15
CA GLY A 76 -9.93 -28.97 26.05
C GLY A 76 -9.12 -30.15 25.55
N ARG A 77 -9.40 -30.58 24.31
CA ARG A 77 -8.66 -31.64 23.63
C ARG A 77 -7.16 -31.36 23.50
N VAL A 78 -6.79 -30.11 23.24
CA VAL A 78 -5.39 -29.72 23.15
C VAL A 78 -4.71 -29.82 24.51
N THR A 79 -5.36 -29.28 25.53
CA THR A 79 -4.81 -29.33 26.90
C THR A 79 -4.64 -30.78 27.41
N GLU A 80 -5.59 -31.66 27.11
CA GLU A 80 -5.44 -33.11 27.31
C GLU A 80 -4.14 -33.62 26.70
N ALA A 81 -3.88 -33.24 25.46
CA ALA A 81 -2.72 -33.69 24.70
C ALA A 81 -1.42 -33.17 25.28
N ILE A 82 -1.38 -31.89 25.66
CA ILE A 82 -0.15 -31.26 26.15
C ILE A 82 0.09 -31.38 27.65
N GLY A 83 -1.00 -31.61 28.39
CA GLY A 83 -0.96 -31.77 29.85
C GLY A 83 -1.60 -30.61 30.58
N ALA A 84 -2.49 -30.94 31.51
CA ALA A 84 -3.12 -29.96 32.41
C ALA A 84 -2.07 -29.01 32.98
N GLY A 85 -2.34 -27.72 32.92
CA GLY A 85 -1.40 -26.73 33.44
C GLY A 85 -0.29 -26.29 32.48
N ASN A 86 -0.21 -26.94 31.32
CA ASN A 86 0.61 -26.47 30.19
C ASN A 86 -0.28 -25.77 29.18
N LYS A 87 0.26 -24.73 28.54
CA LYS A 87 -0.45 -23.96 27.50
C LYS A 87 0.39 -23.93 26.23
N LEU A 88 -0.19 -23.46 25.13
CA LEU A 88 0.55 -23.23 23.88
C LEU A 88 1.28 -21.89 23.83
N ASP A 89 2.42 -21.88 23.14
CA ASP A 89 3.12 -20.64 22.82
C ASP A 89 2.91 -20.24 21.36
N GLY A 90 2.44 -21.18 20.54
CA GLY A 90 2.29 -20.94 19.11
C GLY A 90 1.08 -21.62 18.51
N VAL A 91 0.59 -21.05 17.43
CA VAL A 91 -0.56 -21.57 16.67
C VAL A 91 -0.31 -21.23 15.18
N VAL A 92 -0.42 -22.24 14.32
CA VAL A 92 -0.21 -22.09 12.88
C VAL A 92 -1.52 -22.46 12.17
N HIS A 93 -2.13 -21.45 11.56
CA HIS A 93 -3.26 -21.58 10.63
C HIS A 93 -2.66 -21.67 9.23
N SER A 94 -2.75 -22.85 8.62
CA SER A 94 -2.29 -23.02 7.26
C SER A 94 -3.39 -23.79 6.55
N ILE A 95 -4.60 -23.25 6.63
CA ILE A 95 -5.74 -23.88 5.96
C ILE A 95 -6.38 -22.93 4.94
N GLY A 96 -6.89 -23.51 3.86
CA GLY A 96 -7.49 -22.73 2.76
C GLY A 96 -8.32 -23.64 1.88
N PHE A 97 -9.34 -23.08 1.25
CA PHE A 97 -10.21 -23.81 0.33
C PHE A 97 -11.12 -22.84 -0.42
N MET A 98 -11.32 -23.12 -1.70
CA MET A 98 -12.34 -22.43 -2.49
C MET A 98 -12.89 -23.48 -3.44
N PRO A 99 -14.23 -23.62 -3.53
CA PRO A 99 -14.74 -24.44 -4.59
C PRO A 99 -14.16 -24.05 -5.95
N GLN A 100 -14.02 -25.06 -6.82
CA GLN A 100 -13.56 -24.97 -8.22
C GLN A 100 -14.23 -23.81 -8.95
N THR A 101 -15.49 -23.67 -8.61
CA THR A 101 -16.39 -22.67 -9.12
C THR A 101 -15.86 -21.23 -8.89
N GLY A 102 -15.08 -21.03 -7.84
CA GLY A 102 -14.54 -19.71 -7.54
C GLY A 102 -13.13 -19.49 -8.07
N MET A 103 -12.64 -20.43 -8.88
CA MET A 103 -11.23 -20.39 -9.29
C MET A 103 -10.93 -20.84 -10.72
N GLY A 104 -9.70 -20.55 -11.16
CA GLY A 104 -9.16 -21.11 -12.39
C GLY A 104 -9.89 -20.65 -13.63
N ILE A 105 -10.49 -21.61 -14.33
CA ILE A 105 -11.12 -21.33 -15.61
C ILE A 105 -12.58 -20.82 -15.53
N ASN A 106 -13.30 -21.15 -14.44
CA ASN A 106 -14.69 -20.69 -14.25
C ASN A 106 -14.72 -19.16 -14.22
N PRO A 107 -15.59 -18.54 -15.06
CA PRO A 107 -15.73 -17.08 -15.01
C PRO A 107 -15.97 -16.57 -13.61
N PHE A 108 -15.29 -15.48 -13.28
CA PHE A 108 -15.43 -14.84 -11.97
C PHE A 108 -16.90 -14.67 -11.58
N PHE A 109 -17.72 -14.20 -12.54
CA PHE A 109 -19.13 -13.92 -12.28
C PHE A 109 -20.01 -15.15 -12.04
N ASP A 110 -19.53 -16.34 -12.41
CA ASP A 110 -20.37 -17.54 -12.31
C ASP A 110 -20.25 -18.33 -11.00
N ALA A 111 -19.41 -17.87 -10.07
CA ALA A 111 -19.34 -18.53 -8.77
C ALA A 111 -20.56 -18.21 -7.91
N PRO A 112 -21.38 -19.21 -7.53
CA PRO A 112 -22.52 -18.87 -6.69
C PRO A 112 -22.03 -18.51 -5.28
N TYR A 113 -22.83 -17.74 -4.55
CA TYR A 113 -22.40 -17.23 -3.26
C TYR A 113 -22.18 -18.28 -2.17
N ALA A 114 -22.96 -19.37 -2.21
CA ALA A 114 -22.79 -20.48 -1.25
C ALA A 114 -21.37 -21.07 -1.31
N ASP A 115 -20.82 -21.16 -2.53
CA ASP A 115 -19.42 -21.52 -2.79
C ASP A 115 -18.41 -20.49 -2.26
N VAL A 116 -18.51 -19.24 -2.73
CA VAL A 116 -17.68 -18.14 -2.22
C VAL A 116 -17.68 -18.07 -0.70
N SER A 117 -18.86 -18.24 -0.10
CA SER A 117 -19.05 -18.18 1.36
C SER A 117 -18.40 -19.35 2.12
N LYS A 118 -18.48 -20.56 1.57
CA LYS A 118 -17.74 -21.69 2.13
C LYS A 118 -16.21 -21.43 2.11
N GLY A 119 -15.72 -20.89 0.99
CA GLY A 119 -14.31 -20.57 0.86
C GLY A 119 -13.87 -19.49 1.82
N ILE A 120 -14.69 -18.45 1.96
CA ILE A 120 -14.41 -17.41 2.95
C ILE A 120 -14.47 -17.94 4.42
N HIS A 121 -15.39 -18.87 4.68
CA HIS A 121 -15.55 -19.45 6.04
C HIS A 121 -14.23 -20.09 6.44
N ILE A 122 -13.80 -21.01 5.60
CA ILE A 122 -12.62 -21.84 5.81
C ILE A 122 -11.33 -21.03 5.72
N SER A 123 -11.22 -20.15 4.73
CA SER A 123 -9.95 -19.44 4.48
C SER A 123 -9.70 -18.20 5.31
N ALA A 124 -10.75 -17.50 5.72
CA ALA A 124 -10.61 -16.19 6.37
C ALA A 124 -11.18 -16.20 7.78
N TYR A 125 -12.48 -16.48 7.89
CA TYR A 125 -13.21 -16.51 9.17
C TYR A 125 -12.61 -17.42 10.24
N SER A 126 -12.20 -18.60 9.82
CA SER A 126 -11.58 -19.60 10.68
C SER A 126 -10.31 -19.14 11.38
N TYR A 127 -9.57 -18.20 10.81
CA TYR A 127 -8.44 -17.61 11.51
C TYR A 127 -8.90 -17.03 12.87
N ALA A 128 -10.05 -16.34 12.85
CA ALA A 128 -10.62 -15.75 14.06
C ALA A 128 -11.16 -16.84 14.99
N SER A 129 -11.84 -17.82 14.40
CA SER A 129 -12.36 -18.99 15.12
C SER A 129 -11.30 -19.70 15.94
N MET A 130 -10.23 -20.09 15.26
CA MET A 130 -9.11 -20.77 15.89
C MET A 130 -8.48 -19.89 16.96
N ALA A 131 -8.39 -18.60 16.70
CA ALA A 131 -7.89 -17.66 17.69
C ALA A 131 -8.80 -17.54 18.91
N LYS A 132 -10.12 -17.55 18.70
CA LYS A 132 -11.08 -17.49 19.79
C LYS A 132 -11.00 -18.75 20.67
N ALA A 133 -10.86 -19.89 20.00
CA ALA A 133 -10.79 -21.18 20.66
C ALA A 133 -9.48 -21.33 21.48
N LEU A 134 -8.36 -20.90 20.90
CA LEU A 134 -7.02 -21.16 21.46
C LEU A 134 -6.38 -20.08 22.35
N LEU A 135 -6.78 -18.83 22.18
CA LEU A 135 -6.23 -17.77 23.03
C LEU A 135 -6.34 -18.05 24.52
N PRO A 136 -7.50 -18.57 24.98
CA PRO A 136 -7.60 -18.95 26.39
C PRO A 136 -6.50 -19.88 26.88
N ILE A 137 -5.96 -20.73 25.99
CA ILE A 137 -4.87 -21.64 26.37
C ILE A 137 -3.52 -21.28 25.73
N MET A 138 -3.25 -19.99 25.57
CA MET A 138 -1.95 -19.51 25.11
C MET A 138 -1.20 -18.68 26.15
N ASN A 139 0.10 -18.89 26.20
CA ASN A 139 0.97 -18.14 27.11
C ASN A 139 1.25 -16.73 26.65
N PRO A 140 1.45 -15.78 27.58
CA PRO A 140 2.05 -14.49 27.24
C PRO A 140 3.33 -14.63 26.42
N GLY A 141 3.58 -13.70 25.51
CA GLY A 141 4.66 -13.83 24.54
C GLY A 141 4.42 -14.82 23.40
N GLY A 142 3.25 -15.44 23.37
CA GLY A 142 2.89 -16.39 22.29
C GLY A 142 2.71 -15.77 20.91
N SER A 143 2.37 -16.61 19.92
CA SER A 143 2.31 -16.16 18.52
C SER A 143 1.35 -17.00 17.65
N ILE A 144 0.48 -16.30 16.92
CA ILE A 144 -0.43 -16.94 15.96
C ILE A 144 0.00 -16.49 14.57
N VAL A 145 0.11 -17.46 13.65
CA VAL A 145 0.56 -17.21 12.30
C VAL A 145 -0.38 -17.90 11.32
N GLY A 146 -0.85 -17.14 10.33
CA GLY A 146 -1.62 -17.68 9.22
C GLY A 146 -0.86 -17.49 7.92
N MET A 147 -1.32 -18.17 6.88
CA MET A 147 -0.68 -18.17 5.58
C MET A 147 -1.50 -17.34 4.62
N ASP A 148 -0.84 -16.45 3.90
CA ASP A 148 -1.47 -15.46 3.03
C ASP A 148 -0.86 -15.59 1.64
N PHE A 149 -1.60 -15.15 0.64
CA PHE A 149 -1.05 -14.96 -0.69
C PHE A 149 -1.50 -13.58 -1.10
N ASP A 150 -0.53 -12.71 -1.41
CA ASP A 150 -0.74 -11.27 -1.54
C ASP A 150 -1.89 -10.92 -2.51
N PRO A 151 -3.03 -10.48 -1.97
CA PRO A 151 -4.25 -10.17 -2.72
C PRO A 151 -4.43 -8.67 -3.03
N SER A 152 -3.35 -7.91 -2.85
CA SER A 152 -3.41 -6.46 -3.03
C SER A 152 -3.68 -6.03 -4.48
N ARG A 153 -3.30 -6.87 -5.44
CA ARG A 153 -3.70 -6.70 -6.83
C ARG A 153 -4.42 -7.94 -7.33
N ALA A 154 -5.38 -7.72 -8.23
CA ALA A 154 -6.05 -8.82 -8.93
C ALA A 154 -5.09 -9.56 -9.86
N MET A 155 -5.45 -10.80 -10.17
CA MET A 155 -4.64 -11.63 -11.03
C MET A 155 -5.49 -12.72 -11.64
N PRO A 156 -5.02 -13.34 -12.75
CA PRO A 156 -5.73 -14.49 -13.33
C PRO A 156 -5.93 -15.68 -12.37
N ALA A 157 -7.03 -16.38 -12.58
CA ALA A 157 -7.31 -17.69 -11.93
C ALA A 157 -7.52 -17.74 -10.42
N TYR A 158 -6.76 -16.95 -9.68
CA TYR A 158 -6.87 -16.95 -8.22
C TYR A 158 -8.23 -16.43 -7.76
N ASN A 159 -8.80 -15.49 -8.52
CA ASN A 159 -10.23 -15.19 -8.47
C ASN A 159 -10.80 -14.99 -7.08
N TRP A 160 -11.73 -15.83 -6.65
CA TRP A 160 -12.35 -15.63 -5.32
C TRP A 160 -11.47 -16.05 -4.12
N MET A 161 -10.46 -16.89 -4.35
CA MET A 161 -9.41 -17.04 -3.32
C MET A 161 -8.70 -15.73 -2.99
N THR A 162 -8.50 -14.88 -4.01
CA THR A 162 -7.93 -13.54 -3.79
C THR A 162 -8.80 -12.74 -2.79
N VAL A 163 -10.11 -12.73 -3.03
CA VAL A 163 -11.07 -12.01 -2.22
C VAL A 163 -11.07 -12.48 -0.76
N ALA A 164 -10.98 -13.79 -0.60
CA ALA A 164 -10.80 -14.48 0.67
C ALA A 164 -9.52 -14.11 1.43
N LYS A 165 -8.41 -13.94 0.70
CA LYS A 165 -7.13 -13.58 1.33
C LYS A 165 -7.19 -12.12 1.79
N SER A 166 -7.82 -11.26 0.99
CA SER A 166 -8.09 -9.87 1.37
C SER A 166 -8.84 -9.81 2.69
N ALA A 167 -9.89 -10.63 2.84
CA ALA A 167 -10.62 -10.74 4.13
C ALA A 167 -9.77 -11.27 5.30
N LEU A 168 -8.95 -12.28 4.99
CA LEU A 168 -7.95 -12.84 5.91
C LEU A 168 -7.05 -11.76 6.48
N GLU A 169 -6.44 -10.98 5.62
CA GLU A 169 -5.58 -9.89 6.04
C GLU A 169 -6.30 -8.95 7.01
N SER A 170 -7.58 -8.66 6.72
CA SER A 170 -8.38 -7.73 7.53
C SER A 170 -8.71 -8.39 8.86
N VAL A 171 -9.09 -9.66 8.79
CA VAL A 171 -9.33 -10.47 9.99
C VAL A 171 -8.10 -10.50 10.91
N ASN A 172 -6.92 -10.67 10.32
CA ASN A 172 -5.64 -10.69 11.07
C ASN A 172 -5.43 -9.46 11.97
N ARG A 173 -5.75 -8.28 11.46
CA ARG A 173 -5.64 -7.02 12.21
C ARG A 173 -6.53 -6.95 13.43
N PHE A 174 -7.74 -7.49 13.30
CA PHE A 174 -8.67 -7.64 14.41
C PHE A 174 -8.30 -8.74 15.41
N VAL A 175 -7.82 -9.89 14.91
CA VAL A 175 -7.31 -10.93 15.80
C VAL A 175 -6.14 -10.35 16.62
N ALA A 176 -5.27 -9.58 16.00
CA ALA A 176 -4.18 -8.94 16.73
C ALA A 176 -4.66 -8.09 17.91
N ARG A 177 -5.74 -7.32 17.72
CA ARG A 177 -6.38 -6.56 18.81
C ARG A 177 -6.77 -7.46 19.94
N GLU A 178 -7.37 -8.61 19.63
CA GLU A 178 -7.83 -9.55 20.67
C GLU A 178 -6.68 -10.28 21.34
N ALA A 179 -5.72 -10.72 20.52
CA ALA A 179 -4.52 -11.42 20.98
C ALA A 179 -3.62 -10.54 21.83
N GLY A 180 -3.63 -9.24 21.59
CA GLY A 180 -2.80 -8.30 22.37
C GLY A 180 -3.09 -8.34 23.87
N LYS A 181 -4.35 -8.56 24.21
CA LYS A 181 -4.81 -8.69 25.61
C LYS A 181 -4.18 -9.86 26.37
N TYR A 182 -3.67 -10.85 25.63
CA TYR A 182 -3.04 -12.07 26.20
C TYR A 182 -1.52 -12.06 26.10
N GLY A 183 -0.97 -10.94 25.66
CA GLY A 183 0.46 -10.83 25.38
C GLY A 183 0.85 -11.65 24.15
N VAL A 184 -0.13 -11.95 23.29
CA VAL A 184 0.09 -12.80 22.10
C VAL A 184 0.07 -11.99 20.79
N ARG A 185 0.99 -12.32 19.90
CA ARG A 185 1.01 -11.76 18.55
C ARG A 185 0.20 -12.56 17.52
N SER A 186 -0.18 -11.87 16.44
CA SER A 186 -0.89 -12.47 15.33
C SER A 186 -0.39 -11.84 14.04
N ASN A 187 0.06 -12.68 13.12
CA ASN A 187 0.67 -12.19 11.88
C ASN A 187 0.41 -13.16 10.75
N LEU A 188 0.56 -12.69 9.54
CA LEU A 188 0.46 -13.52 8.35
C LEU A 188 1.80 -13.67 7.69
N VAL A 189 2.03 -14.84 7.12
CA VAL A 189 3.15 -14.97 6.19
C VAL A 189 2.62 -15.03 4.75
N ALA A 190 2.97 -14.01 3.96
CA ALA A 190 2.61 -13.96 2.55
C ALA A 190 3.65 -14.70 1.71
N ALA A 191 3.33 -15.96 1.37
CA ALA A 191 4.21 -16.86 0.66
C ALA A 191 4.25 -16.60 -0.84
N GLY A 192 5.39 -16.89 -1.48
CA GLY A 192 5.44 -16.99 -2.94
C GLY A 192 4.80 -18.33 -3.27
N PRO A 193 4.56 -18.62 -4.56
CA PRO A 193 3.97 -19.89 -4.98
C PRO A 193 4.86 -21.10 -4.66
N ILE A 194 4.23 -22.15 -4.14
CA ILE A 194 4.91 -23.39 -3.71
C ILE A 194 4.19 -24.60 -4.29
N ARG A 195 4.97 -25.50 -4.89
CA ARG A 195 4.46 -26.80 -5.37
C ARG A 195 3.87 -27.64 -4.24
N THR A 196 2.56 -27.54 -4.12
CA THR A 196 1.79 -28.27 -3.15
C THR A 196 0.71 -28.91 -4.03
N LEU A 197 -0.22 -29.65 -3.45
CA LEU A 197 -1.26 -30.25 -4.26
C LEU A 197 -2.52 -29.39 -4.30
N ALA A 198 -2.50 -28.25 -3.61
CA ALA A 198 -3.67 -27.37 -3.52
C ALA A 198 -4.22 -26.88 -4.88
N MET A 199 -3.32 -26.54 -5.82
CA MET A 199 -3.73 -26.05 -7.16
C MET A 199 -3.94 -27.12 -8.24
N SER A 200 -3.80 -28.39 -7.87
CA SER A 200 -3.76 -29.49 -8.82
C SER A 200 -4.93 -29.58 -9.82
N ALA A 201 -6.15 -29.67 -9.31
CA ALA A 201 -7.33 -29.78 -10.15
C ALA A 201 -7.59 -28.50 -10.95
N ILE A 202 -7.24 -27.34 -10.38
CA ILE A 202 -7.36 -26.07 -11.08
C ILE A 202 -6.39 -25.99 -12.25
N VAL A 203 -5.14 -26.35 -12.02
CA VAL A 203 -4.12 -26.30 -13.06
C VAL A 203 -4.37 -27.39 -14.12
N GLY A 204 -4.79 -28.57 -13.67
CA GLY A 204 -5.10 -29.69 -14.55
C GLY A 204 -6.26 -29.44 -15.48
N GLY A 205 -7.28 -28.75 -14.98
CA GLY A 205 -8.47 -28.41 -15.75
C GLY A 205 -8.31 -27.21 -16.66
N ALA A 206 -7.19 -26.49 -16.52
CA ALA A 206 -6.89 -25.34 -17.37
C ALA A 206 -5.87 -25.66 -18.48
N LEU A 207 -5.68 -26.95 -18.76
CA LEU A 207 -4.63 -27.42 -19.68
C LEU A 207 -4.51 -26.73 -21.05
N GLY A 208 -5.54 -26.80 -21.87
CA GLY A 208 -5.45 -26.18 -23.18
C GLY A 208 -5.90 -24.73 -23.18
N GLU A 209 -6.29 -24.25 -22.01
CA GLU A 209 -7.01 -22.99 -21.88
C GLU A 209 -6.09 -21.83 -21.50
N GLU A 210 -6.53 -20.61 -21.84
CA GLU A 210 -5.89 -19.41 -21.32
C GLU A 210 -6.20 -19.40 -19.84
N ALA A 211 -5.24 -18.93 -19.04
CA ALA A 211 -5.35 -18.96 -17.58
C ALA A 211 -4.63 -20.18 -17.03
N GLY A 212 -4.56 -21.25 -17.82
CA GLY A 212 -3.56 -22.30 -17.63
C GLY A 212 -2.22 -21.70 -17.97
N ALA A 213 -2.12 -21.15 -19.17
CA ALA A 213 -0.98 -20.33 -19.58
C ALA A 213 -0.75 -19.15 -18.61
N GLN A 214 -1.81 -18.39 -18.29
CA GLN A 214 -1.72 -17.28 -17.31
C GLN A 214 -1.14 -17.68 -15.93
N ILE A 215 -1.59 -18.81 -15.38
CA ILE A 215 -1.07 -19.34 -14.12
C ILE A 215 0.41 -19.68 -14.26
N GLN A 216 0.79 -20.34 -15.35
CA GLN A 216 2.21 -20.66 -15.57
C GLN A 216 3.09 -19.41 -15.65
N LEU A 217 2.62 -18.41 -16.40
CA LEU A 217 3.25 -17.10 -16.51
C LEU A 217 3.41 -16.44 -15.14
N LEU A 218 2.35 -16.50 -14.33
CA LEU A 218 2.34 -15.93 -12.98
C LEU A 218 3.47 -16.57 -12.17
N GLU A 219 3.54 -17.90 -12.22
CA GLU A 219 4.57 -18.66 -11.52
C GLU A 219 5.98 -18.40 -12.02
N GLU A 220 6.17 -18.36 -13.35
CA GLU A 220 7.53 -18.16 -13.90
C GLU A 220 8.07 -16.75 -13.64
N GLY A 221 7.18 -15.76 -13.59
CA GLY A 221 7.54 -14.36 -13.36
C GLY A 221 7.94 -14.06 -11.91
N TRP A 222 7.51 -14.92 -10.99
CA TRP A 222 7.91 -14.79 -9.60
C TRP A 222 9.41 -14.83 -9.41
N ASP A 223 10.06 -15.86 -9.95
CA ASP A 223 11.52 -15.99 -9.84
C ASP A 223 12.23 -14.88 -10.59
N GLN A 224 11.59 -14.38 -11.67
CA GLN A 224 12.11 -13.24 -12.44
C GLN A 224 12.09 -11.97 -11.58
N ARG A 225 10.95 -11.67 -10.96
CA ARG A 225 10.76 -10.47 -10.09
C ARG A 225 11.62 -10.53 -8.83
N ALA A 226 11.78 -11.73 -8.29
CA ALA A 226 12.46 -11.96 -7.01
C ALA A 226 13.96 -11.66 -7.11
N PRO A 227 14.41 -10.57 -6.47
CA PRO A 227 15.82 -10.13 -6.50
C PRO A 227 16.80 -11.19 -5.99
N ILE A 228 16.32 -12.09 -5.14
CA ILE A 228 17.12 -13.23 -4.65
C ILE A 228 16.64 -14.56 -5.24
N GLY A 229 15.69 -14.48 -6.15
CA GLY A 229 15.20 -15.68 -6.83
C GLY A 229 14.08 -16.34 -6.05
N TRP A 230 13.41 -17.27 -6.70
CA TRP A 230 12.31 -18.00 -6.10
C TRP A 230 12.26 -19.41 -6.67
N ASN A 231 12.20 -20.39 -5.77
CA ASN A 231 12.14 -21.80 -6.15
C ASN A 231 10.84 -22.39 -5.59
N MET A 232 9.90 -22.69 -6.49
CA MET A 232 8.58 -23.22 -6.15
C MET A 232 8.57 -24.60 -5.52
N LYS A 233 9.65 -25.35 -5.75
CA LYS A 233 9.74 -26.70 -5.25
C LYS A 233 10.22 -26.75 -3.79
N ASP A 234 10.67 -25.61 -3.27
CA ASP A 234 11.34 -25.56 -1.97
C ASP A 234 10.50 -24.76 -0.94
N ALA A 235 9.75 -25.48 -0.11
CA ALA A 235 8.89 -24.83 0.88
C ALA A 235 9.63 -24.40 2.14
N THR A 236 10.92 -24.70 2.21
CA THR A 236 11.66 -24.47 3.47
C THR A 236 11.92 -23.01 3.82
N PRO A 237 12.27 -22.15 2.85
CA PRO A 237 12.35 -20.72 3.20
C PRO A 237 11.05 -20.11 3.78
N VAL A 238 9.89 -20.62 3.39
CA VAL A 238 8.66 -20.10 3.99
C VAL A 238 8.37 -20.71 5.36
N ALA A 239 8.67 -22.01 5.51
CA ALA A 239 8.61 -22.70 6.81
C ALA A 239 9.53 -22.04 7.86
N LYS A 240 10.69 -21.55 7.43
CA LYS A 240 11.60 -20.81 8.33
C LYS A 240 11.05 -19.44 8.75
N THR A 241 10.53 -18.70 7.76
CA THR A 241 9.84 -17.42 8.02
C THR A 241 8.74 -17.61 9.08
N VAL A 242 7.93 -18.68 8.94
CA VAL A 242 6.89 -18.96 9.92
C VAL A 242 7.51 -19.23 11.32
N CYS A 243 8.58 -20.02 11.37
CA CYS A 243 9.28 -20.29 12.63
C CYS A 243 9.83 -19.03 13.27
N ALA A 244 10.36 -18.16 12.43
CA ALA A 244 10.82 -16.84 12.86
C ALA A 244 9.73 -16.03 13.60
N LEU A 245 8.52 -15.96 13.06
CA LEU A 245 7.39 -15.30 13.75
C LEU A 245 6.87 -16.07 14.96
N LEU A 246 7.08 -17.40 14.98
CA LEU A 246 6.76 -18.19 16.18
C LEU A 246 7.80 -18.02 17.29
N SER A 247 9.03 -17.65 16.91
CA SER A 247 10.11 -17.43 17.87
C SER A 247 9.93 -16.10 18.61
N ASP A 248 10.84 -15.84 19.54
CA ASP A 248 10.90 -14.59 20.28
C ASP A 248 11.67 -13.47 19.55
N TRP A 249 11.97 -13.65 18.25
CA TRP A 249 12.86 -12.68 17.53
C TRP A 249 12.17 -11.62 16.70
N LEU A 250 10.85 -11.68 16.67
CA LEU A 250 10.03 -10.64 16.09
C LEU A 250 8.99 -10.16 17.13
N PRO A 251 9.47 -9.66 18.30
CA PRO A 251 8.55 -9.48 19.45
C PRO A 251 7.68 -8.23 19.38
N ALA A 252 7.96 -7.35 18.41
CA ALA A 252 7.23 -6.07 18.28
C ALA A 252 6.36 -6.01 17.00
N THR A 253 6.15 -7.17 16.39
CA THR A 253 5.26 -7.19 15.22
C THR A 253 3.98 -8.02 15.39
N THR A 254 2.84 -7.35 15.16
CA THR A 254 1.48 -7.95 15.14
C THR A 254 0.55 -7.23 14.24
N GLY A 255 -0.51 -7.93 13.83
CA GLY A 255 -1.51 -7.39 12.92
C GLY A 255 -0.90 -7.21 11.55
N ASP A 256 0.22 -7.90 11.34
CA ASP A 256 1.11 -7.58 10.22
C ASP A 256 1.28 -8.75 9.23
N ILE A 257 2.01 -8.48 8.15
CA ILE A 257 2.24 -9.42 7.07
C ILE A 257 3.75 -9.44 6.77
N ILE A 258 4.34 -10.63 6.87
CA ILE A 258 5.74 -10.78 6.50
C ILE A 258 5.76 -11.46 5.15
N TYR A 259 6.43 -10.86 4.18
CA TYR A 259 6.50 -11.52 2.85
C TYR A 259 7.67 -12.48 2.68
N ALA A 260 7.35 -13.77 2.56
CA ALA A 260 8.31 -14.82 2.25
C ALA A 260 8.13 -15.23 0.78
N ASP A 261 8.61 -14.39 -0.14
CA ASP A 261 8.34 -14.48 -1.60
C ASP A 261 9.55 -14.07 -2.46
N GLY A 262 10.73 -14.00 -1.84
CA GLY A 262 11.93 -13.70 -2.61
C GLY A 262 12.02 -12.23 -2.95
N GLY A 263 11.18 -11.42 -2.31
CA GLY A 263 11.11 -9.99 -2.66
C GLY A 263 10.32 -9.66 -3.93
N ALA A 264 9.74 -10.68 -4.57
CA ALA A 264 8.93 -10.46 -5.79
C ALA A 264 7.91 -9.29 -5.73
N HIS A 265 7.20 -9.15 -4.61
CA HIS A 265 6.12 -8.16 -4.49
C HIS A 265 6.65 -6.74 -4.36
N THR A 266 7.95 -6.59 -4.13
CA THR A 266 8.59 -5.29 -4.04
C THR A 266 9.11 -4.82 -5.40
N GLN A 267 8.92 -5.64 -6.44
CA GLN A 267 9.45 -5.39 -7.79
C GLN A 267 8.37 -5.43 -8.89
N LEU A 268 8.43 -4.49 -9.83
CA LEU A 268 7.44 -4.42 -10.91
C LEU A 268 7.86 -5.36 -12.03
N LEU A 269 9.09 -5.19 -12.50
CA LEU A 269 9.74 -6.27 -13.24
C LEU A 269 11.27 -6.28 -12.97
N THR B 2 -22.54 23.55 -18.66
CA THR B 2 -22.76 22.30 -19.47
C THR B 2 -23.71 21.31 -18.80
N GLY B 3 -23.24 20.68 -17.71
CA GLY B 3 -23.91 19.53 -17.08
C GLY B 3 -22.93 18.39 -17.11
N LEU B 4 -22.35 18.04 -15.97
CA LEU B 4 -21.28 17.02 -15.90
C LEU B 4 -21.71 15.62 -16.41
N LEU B 5 -23.00 15.33 -16.38
CA LEU B 5 -23.52 13.98 -16.65
C LEU B 5 -24.59 14.04 -17.73
N ASP B 6 -24.48 15.10 -18.51
CA ASP B 6 -25.40 15.39 -19.58
C ASP B 6 -25.58 14.20 -20.50
N GLY B 7 -26.79 13.67 -20.52
CA GLY B 7 -27.15 12.67 -21.52
C GLY B 7 -26.80 11.25 -21.12
N LYS B 8 -26.43 11.05 -19.85
CA LYS B 8 -26.06 9.74 -19.37
C LYS B 8 -27.24 9.12 -18.63
N ARG B 9 -27.40 7.82 -18.83
CA ARG B 9 -28.38 7.02 -18.10
C ARG B 9 -27.68 6.26 -16.96
N ILE B 10 -28.13 6.51 -15.73
CA ILE B 10 -27.43 6.01 -14.55
C ILE B 10 -28.36 5.27 -13.57
N LEU B 11 -27.93 4.08 -13.14
CA LEU B 11 -28.60 3.29 -12.11
C LEU B 11 -27.99 3.62 -10.74
N VAL B 12 -28.85 3.97 -9.78
CA VAL B 12 -28.41 4.26 -8.40
C VAL B 12 -29.21 3.39 -7.46
N SER B 13 -28.49 2.56 -6.71
CA SER B 13 -29.05 1.77 -5.63
C SER B 13 -28.66 2.45 -4.32
N GLY B 14 -29.40 2.13 -3.25
CA GLY B 14 -28.98 2.47 -1.90
C GLY B 14 -29.83 3.48 -1.16
N ILE B 15 -30.87 4.00 -1.81
CA ILE B 15 -31.70 5.04 -1.19
C ILE B 15 -32.72 4.42 -0.27
N ILE B 16 -32.57 4.71 1.01
CA ILE B 16 -33.54 4.23 1.98
C ILE B 16 -34.12 5.39 2.77
N THR B 17 -33.30 6.42 2.99
CA THR B 17 -33.77 7.71 3.49
C THR B 17 -33.19 8.85 2.64
N ASP B 18 -33.64 10.07 2.94
CA ASP B 18 -33.16 11.27 2.27
C ASP B 18 -31.80 11.76 2.77
N SER B 19 -31.25 11.09 3.79
CA SER B 19 -29.84 11.32 4.16
C SER B 19 -28.92 10.18 3.71
N SER B 20 -29.47 9.18 3.01
CA SER B 20 -28.64 8.16 2.35
C SER B 20 -27.65 8.86 1.44
N ILE B 21 -26.39 8.41 1.49
CA ILE B 21 -25.36 8.88 0.56
C ILE B 21 -25.90 8.74 -0.88
N ALA B 22 -26.62 7.66 -1.14
CA ALA B 22 -27.22 7.39 -2.46
C ALA B 22 -28.27 8.42 -2.88
N PHE B 23 -29.00 8.97 -1.92
CA PHE B 23 -29.98 10.03 -2.22
C PHE B 23 -29.27 11.27 -2.77
N HIS B 24 -28.18 11.63 -2.09
CA HIS B 24 -27.32 12.73 -2.49
C HIS B 24 -26.58 12.51 -3.81
N ILE B 25 -26.10 11.28 -4.06
CA ILE B 25 -25.56 10.92 -5.37
C ILE B 25 -26.59 11.16 -6.47
N ALA B 26 -27.83 10.74 -6.22
CA ALA B 26 -28.92 10.84 -7.20
C ALA B 26 -29.28 12.29 -7.46
N ARG B 27 -29.47 13.04 -6.37
CA ARG B 27 -29.73 14.47 -6.47
C ARG B 27 -28.67 15.20 -7.30
N VAL B 28 -27.39 15.10 -6.93
CA VAL B 28 -26.31 15.78 -7.69
C VAL B 28 -26.26 15.32 -9.15
N ALA B 29 -26.39 14.00 -9.37
CA ALA B 29 -26.45 13.45 -10.72
C ALA B 29 -27.59 14.03 -11.55
N GLN B 30 -28.81 14.09 -11.01
CA GLN B 30 -29.94 14.77 -11.73
C GLN B 30 -29.67 16.26 -11.98
N GLU B 31 -29.11 16.96 -10.99
CA GLU B 31 -28.76 18.38 -11.18
C GLU B 31 -27.77 18.51 -12.33
N GLN B 32 -26.96 17.46 -12.53
CA GLN B 32 -25.94 17.46 -13.57
C GLN B 32 -26.40 16.88 -14.89
N GLY B 33 -27.70 16.65 -15.02
CA GLY B 33 -28.28 16.25 -16.28
C GLY B 33 -28.41 14.75 -16.50
N ALA B 34 -28.18 13.95 -15.46
CA ALA B 34 -28.31 12.49 -15.62
C ALA B 34 -29.77 12.11 -15.56
N GLN B 35 -30.08 11.02 -16.21
CA GLN B 35 -31.41 10.44 -16.20
C GLN B 35 -31.26 9.11 -15.47
N LEU B 36 -31.95 8.99 -14.35
CA LEU B 36 -31.71 7.90 -13.42
C LEU B 36 -32.74 6.80 -13.40
N VAL B 37 -32.27 5.62 -13.02
CA VAL B 37 -33.11 4.48 -12.64
C VAL B 37 -32.65 4.14 -11.23
N LEU B 38 -33.60 3.89 -10.33
CA LEU B 38 -33.30 3.64 -8.92
C LEU B 38 -33.67 2.23 -8.55
N THR B 39 -32.96 1.66 -7.59
CA THR B 39 -33.35 0.38 -7.08
C THR B 39 -33.53 0.46 -5.58
N GLY B 40 -34.53 -0.25 -5.09
CA GLY B 40 -34.83 -0.27 -3.66
C GLY B 40 -35.01 -1.69 -3.17
N PHE B 41 -34.85 -1.89 -1.87
CA PHE B 41 -34.75 -3.22 -1.30
C PHE B 41 -36.08 -3.77 -0.76
N ASP B 42 -36.61 -3.15 0.29
CA ASP B 42 -37.68 -3.82 1.03
C ASP B 42 -38.93 -2.95 1.22
N ARG B 43 -38.71 -1.67 1.48
CA ARG B 43 -39.80 -0.74 1.73
C ARG B 43 -39.97 0.13 0.50
N LEU B 44 -40.51 -0.44 -0.58
CA LEU B 44 -40.50 0.24 -1.88
C LEU B 44 -41.47 1.43 -1.94
N ARG B 45 -42.56 1.32 -1.19
CA ARG B 45 -43.57 2.39 -1.10
C ARG B 45 -43.03 3.58 -0.31
N LEU B 46 -42.32 3.29 0.78
CA LEU B 46 -41.58 4.32 1.49
C LEU B 46 -40.47 4.90 0.64
N ILE B 47 -39.81 4.06 -0.17
CA ILE B 47 -38.66 4.55 -0.92
C ILE B 47 -39.10 5.55 -1.98
N GLN B 48 -40.18 5.23 -2.69
CA GLN B 48 -40.80 6.14 -3.67
C GLN B 48 -41.17 7.49 -3.07
N ARG B 49 -41.66 7.49 -1.83
CA ARG B 49 -41.94 8.71 -1.07
C ARG B 49 -40.67 9.56 -0.88
N ILE B 50 -39.57 8.90 -0.53
CA ILE B 50 -38.28 9.58 -0.41
C ILE B 50 -37.77 10.05 -1.78
N THR B 51 -37.89 9.21 -2.80
CA THR B 51 -37.32 9.54 -4.11
C THR B 51 -38.14 10.62 -4.86
N ASP B 52 -39.38 10.83 -4.42
CA ASP B 52 -40.21 11.91 -4.97
C ASP B 52 -39.64 13.26 -4.62
N ARG B 53 -38.78 13.31 -3.62
CA ARG B 53 -38.18 14.59 -3.21
C ARG B 53 -36.93 14.96 -4.00
N LEU B 54 -36.51 14.09 -4.91
CA LEU B 54 -35.45 14.37 -5.88
C LEU B 54 -35.97 15.38 -6.93
N PRO B 55 -35.08 16.17 -7.56
CA PRO B 55 -35.49 17.15 -8.58
C PRO B 55 -36.30 16.59 -9.75
N ALA B 56 -35.95 15.39 -10.22
CA ALA B 56 -36.64 14.81 -11.37
C ALA B 56 -37.15 13.40 -11.08
N LYS B 57 -37.98 12.89 -11.96
CA LYS B 57 -38.49 11.56 -11.73
C LYS B 57 -37.50 10.48 -12.21
N ALA B 58 -37.72 9.26 -11.74
CA ALA B 58 -36.82 8.15 -12.01
C ALA B 58 -37.57 6.87 -11.70
N PRO B 59 -37.65 5.94 -12.67
CA PRO B 59 -38.25 4.64 -12.35
C PRO B 59 -37.54 3.96 -11.17
N LEU B 60 -38.33 3.37 -10.26
CA LEU B 60 -37.82 2.63 -9.13
C LEU B 60 -38.09 1.13 -9.33
N LEU B 61 -37.02 0.33 -9.31
CA LEU B 61 -37.12 -1.12 -9.47
C LEU B 61 -36.79 -1.80 -8.14
N GLU B 62 -37.51 -2.87 -7.80
CA GLU B 62 -37.18 -3.66 -6.61
C GLU B 62 -35.88 -4.44 -6.84
N LEU B 63 -35.00 -4.44 -5.83
CA LEU B 63 -33.77 -5.24 -5.91
C LEU B 63 -33.29 -5.69 -4.52
N ASP B 64 -33.57 -6.93 -4.17
CA ASP B 64 -32.91 -7.58 -3.05
C ASP B 64 -31.73 -8.27 -3.67
N VAL B 65 -30.55 -7.83 -3.24
CA VAL B 65 -29.30 -8.31 -3.79
C VAL B 65 -29.05 -9.79 -3.44
N GLN B 66 -29.69 -10.27 -2.37
CA GLN B 66 -29.63 -11.68 -2.03
C GLN B 66 -30.68 -12.53 -2.77
N ASN B 67 -31.45 -11.92 -3.67
CA ASN B 67 -32.50 -12.62 -4.41
C ASN B 67 -32.04 -12.91 -5.85
N GLU B 68 -31.85 -14.20 -6.16
CA GLU B 68 -31.36 -14.64 -7.46
C GLU B 68 -32.26 -14.23 -8.63
N GLU B 69 -33.59 -14.31 -8.46
CA GLU B 69 -34.49 -13.90 -9.55
C GLU B 69 -34.53 -12.38 -9.80
N HIS B 70 -34.51 -11.59 -8.73
CA HIS B 70 -34.36 -10.13 -8.85
C HIS B 70 -33.18 -9.77 -9.75
N LEU B 71 -32.07 -10.46 -9.56
CA LEU B 71 -30.85 -10.21 -10.31
C LEU B 71 -30.95 -10.65 -11.78
N ALA B 72 -31.57 -11.79 -12.02
CA ALA B 72 -31.68 -12.35 -13.36
C ALA B 72 -32.64 -11.56 -14.27
N SER B 73 -33.55 -10.81 -13.65
CA SER B 73 -34.54 -10.02 -14.38
C SER B 73 -34.15 -8.56 -14.48
N LEU B 74 -33.14 -8.17 -13.71
CA LEU B 74 -32.76 -6.76 -13.52
C LEU B 74 -32.50 -6.02 -14.83
N ALA B 75 -31.63 -6.58 -15.67
CA ALA B 75 -31.26 -5.95 -16.94
C ALA B 75 -32.48 -5.71 -17.84
N GLY B 76 -33.37 -6.70 -17.91
CA GLY B 76 -34.61 -6.59 -18.69
C GLY B 76 -35.51 -5.48 -18.16
N ARG B 77 -35.67 -5.45 -16.84
CA ARG B 77 -36.48 -4.44 -16.17
C ARG B 77 -35.89 -3.02 -16.33
N VAL B 78 -34.57 -2.89 -16.21
CA VAL B 78 -33.87 -1.65 -16.55
C VAL B 78 -34.09 -1.21 -18.01
N THR B 79 -33.96 -2.13 -18.98
CA THR B 79 -34.08 -1.70 -20.38
C THR B 79 -35.52 -1.27 -20.74
N GLU B 80 -36.51 -1.96 -20.17
CA GLU B 80 -37.91 -1.52 -20.23
C GLU B 80 -38.09 -0.08 -19.74
N ALA B 81 -37.39 0.24 -18.65
CA ALA B 81 -37.48 1.54 -18.00
C ALA B 81 -36.87 2.66 -18.85
N ILE B 82 -35.72 2.40 -19.46
CA ILE B 82 -34.98 3.45 -20.16
C ILE B 82 -35.33 3.52 -21.65
N GLY B 83 -35.90 2.43 -22.18
CA GLY B 83 -36.49 2.42 -23.52
C GLY B 83 -35.60 1.75 -24.54
N ALA B 84 -36.22 1.19 -25.57
CA ALA B 84 -35.50 0.45 -26.61
C ALA B 84 -34.34 1.23 -27.20
N GLY B 85 -33.23 0.52 -27.49
CA GLY B 85 -32.04 1.11 -28.08
C GLY B 85 -31.16 1.88 -27.11
N ASN B 86 -31.62 2.03 -25.86
CA ASN B 86 -30.86 2.74 -24.81
C ASN B 86 -30.17 1.78 -23.84
N LYS B 87 -29.10 2.26 -23.26
CA LYS B 87 -28.21 1.46 -22.44
C LYS B 87 -27.76 2.31 -21.26
N LEU B 88 -27.28 1.68 -20.20
CA LEU B 88 -26.75 2.39 -19.06
C LEU B 88 -25.37 2.91 -19.30
N ASP B 89 -25.08 4.10 -18.78
CA ASP B 89 -23.72 4.62 -18.79
C ASP B 89 -23.11 4.54 -17.40
N GLY B 90 -23.92 4.20 -16.39
CA GLY B 90 -23.41 4.23 -15.03
C GLY B 90 -24.21 3.42 -14.04
N VAL B 91 -23.51 2.91 -13.03
CA VAL B 91 -24.10 2.07 -12.02
C VAL B 91 -23.48 2.52 -10.73
N VAL B 92 -24.34 2.81 -9.76
CA VAL B 92 -23.89 3.10 -8.42
C VAL B 92 -24.35 2.03 -7.44
N HIS B 93 -23.35 1.41 -6.81
CA HIS B 93 -23.59 0.47 -5.76
C HIS B 93 -23.35 1.20 -4.44
N SER B 94 -24.44 1.41 -3.69
CA SER B 94 -24.37 2.15 -2.42
C SER B 94 -25.16 1.35 -1.43
N ILE B 95 -24.85 0.06 -1.38
CA ILE B 95 -25.50 -0.84 -0.41
C ILE B 95 -24.48 -1.52 0.52
N GLY B 96 -24.96 -1.84 1.73
CA GLY B 96 -24.12 -2.32 2.82
C GLY B 96 -25.00 -2.72 3.99
N PHE B 97 -24.63 -3.83 4.62
CA PHE B 97 -25.33 -4.32 5.80
C PHE B 97 -24.41 -5.26 6.54
N MET B 98 -24.34 -5.09 7.85
CA MET B 98 -23.69 -6.10 8.69
C MET B 98 -24.57 -6.29 9.92
N PRO B 99 -24.95 -7.53 10.26
CA PRO B 99 -25.68 -7.70 11.51
C PRO B 99 -24.96 -7.08 12.71
N GLN B 100 -25.74 -6.60 13.69
CA GLN B 100 -25.24 -5.88 14.89
C GLN B 100 -24.16 -6.71 15.59
N THR B 101 -24.34 -8.01 15.53
CA THR B 101 -23.38 -9.01 16.02
C THR B 101 -21.94 -8.82 15.49
N GLY B 102 -21.79 -8.29 14.27
CA GLY B 102 -20.47 -8.02 13.69
C GLY B 102 -19.97 -6.59 13.78
N MET B 103 -20.54 -5.82 14.70
CA MET B 103 -20.25 -4.40 14.80
C MET B 103 -20.31 -3.86 16.22
N GLY B 104 -19.79 -2.63 16.38
CA GLY B 104 -19.88 -1.87 17.62
C GLY B 104 -19.43 -2.55 18.89
N ILE B 105 -20.36 -2.65 19.83
CA ILE B 105 -20.09 -3.11 21.19
C ILE B 105 -19.85 -4.63 21.29
N ASN B 106 -20.47 -5.39 20.38
CA ASN B 106 -20.36 -6.86 20.39
C ASN B 106 -18.93 -7.32 20.14
N PRO B 107 -18.42 -8.23 20.98
CA PRO B 107 -17.09 -8.80 20.79
C PRO B 107 -16.88 -9.37 19.36
N PHE B 108 -15.74 -9.05 18.75
CA PHE B 108 -15.36 -9.51 17.40
C PHE B 108 -15.45 -11.03 17.24
N PHE B 109 -15.08 -11.77 18.29
CA PHE B 109 -15.12 -13.22 18.26
C PHE B 109 -16.53 -13.78 18.34
N ASP B 110 -17.49 -12.98 18.82
CA ASP B 110 -18.82 -13.53 19.12
C ASP B 110 -19.82 -13.48 17.96
N ALA B 111 -19.36 -12.93 16.84
CA ALA B 111 -20.16 -12.84 15.60
C ALA B 111 -20.20 -14.19 14.88
N PRO B 112 -21.37 -14.86 14.86
CA PRO B 112 -21.41 -16.16 14.15
C PRO B 112 -21.21 -16.00 12.65
N TYR B 113 -20.76 -17.04 11.98
CA TYR B 113 -20.40 -16.89 10.58
C TYR B 113 -21.61 -16.62 9.67
N ALA B 114 -22.79 -17.14 10.05
CA ALA B 114 -24.05 -16.85 9.33
C ALA B 114 -24.27 -15.33 9.20
N ASP B 115 -23.99 -14.61 10.28
CA ASP B 115 -24.12 -13.14 10.33
C ASP B 115 -23.06 -12.46 9.48
N VAL B 116 -21.80 -12.83 9.69
CA VAL B 116 -20.68 -12.39 8.85
C VAL B 116 -20.87 -12.61 7.32
N SER B 117 -21.29 -13.83 6.99
CA SER B 117 -21.57 -14.25 5.61
C SER B 117 -22.70 -13.44 4.97
N LYS B 118 -23.77 -13.17 5.70
CA LYS B 118 -24.83 -12.31 5.16
C LYS B 118 -24.33 -10.89 4.85
N GLY B 119 -23.57 -10.33 5.78
CA GLY B 119 -22.93 -9.03 5.63
C GLY B 119 -21.99 -8.96 4.44
N ILE B 120 -21.21 -10.02 4.21
CA ILE B 120 -20.30 -10.05 3.06
C ILE B 120 -21.08 -10.25 1.77
N HIS B 121 -22.17 -11.04 1.83
CA HIS B 121 -23.04 -11.26 0.67
C HIS B 121 -23.56 -9.88 0.22
N ILE B 122 -24.19 -9.18 1.16
CA ILE B 122 -24.78 -7.86 0.86
C ILE B 122 -23.74 -6.79 0.55
N SER B 123 -22.65 -6.75 1.30
CA SER B 123 -21.73 -5.63 1.22
C SER B 123 -20.63 -5.77 0.17
N ALA B 124 -20.24 -7.00 -0.19
CA ALA B 124 -19.09 -7.24 -1.09
C ALA B 124 -19.40 -8.07 -2.34
N TYR B 125 -19.96 -9.26 -2.15
CA TYR B 125 -20.26 -10.13 -3.28
C TYR B 125 -21.26 -9.41 -4.21
N SER B 126 -22.21 -8.67 -3.63
CA SER B 126 -23.27 -8.01 -4.40
C SER B 126 -22.75 -7.03 -5.44
N TYR B 127 -21.56 -6.49 -5.19
CA TYR B 127 -20.88 -5.64 -6.14
C TYR B 127 -20.56 -6.40 -7.44
N ALA B 128 -20.09 -7.66 -7.31
CA ALA B 128 -19.94 -8.55 -8.47
C ALA B 128 -21.28 -8.90 -9.14
N SER B 129 -22.30 -9.25 -8.37
CA SER B 129 -23.56 -9.66 -9.01
C SER B 129 -24.29 -8.55 -9.76
N MET B 130 -24.21 -7.32 -9.24
CA MET B 130 -24.80 -6.17 -9.93
C MET B 130 -24.07 -5.90 -11.25
N ALA B 131 -22.74 -5.90 -11.21
CA ALA B 131 -21.91 -5.84 -12.45
C ALA B 131 -22.20 -6.97 -13.44
N LYS B 132 -22.40 -8.18 -12.93
CA LYS B 132 -22.78 -9.34 -13.77
C LYS B 132 -24.11 -9.08 -14.51
N ALA B 133 -25.18 -8.84 -13.75
CA ALA B 133 -26.46 -8.32 -14.27
C ALA B 133 -26.37 -7.18 -15.29
N LEU B 134 -25.58 -6.16 -14.98
CA LEU B 134 -25.68 -4.89 -15.74
C LEU B 134 -24.70 -4.61 -16.87
N LEU B 135 -23.48 -5.17 -16.81
CA LEU B 135 -22.50 -4.93 -17.86
C LEU B 135 -22.98 -5.23 -19.31
N PRO B 136 -23.81 -6.28 -19.51
CA PRO B 136 -24.34 -6.56 -20.86
C PRO B 136 -25.21 -5.44 -21.43
N ILE B 137 -25.70 -4.54 -20.57
CA ILE B 137 -26.46 -3.37 -21.03
C ILE B 137 -25.77 -2.03 -20.70
N MET B 138 -24.46 -2.05 -20.56
CA MET B 138 -23.69 -0.82 -20.42
C MET B 138 -22.98 -0.43 -21.69
N ASN B 139 -22.86 0.88 -21.89
CA ASN B 139 -22.09 1.47 -22.97
C ASN B 139 -20.59 1.53 -22.65
N PRO B 140 -19.74 1.43 -23.69
CA PRO B 140 -18.32 1.61 -23.53
C PRO B 140 -18.05 3.04 -23.08
N GLY B 141 -17.11 3.19 -22.16
CA GLY B 141 -16.88 4.46 -21.50
C GLY B 141 -17.63 4.54 -20.19
N GLY B 142 -18.50 3.56 -19.94
CA GLY B 142 -19.36 3.54 -18.78
C GLY B 142 -18.56 3.40 -17.51
N SER B 143 -19.25 3.47 -16.38
CA SER B 143 -18.62 3.56 -15.06
C SER B 143 -19.50 2.88 -14.01
N ILE B 144 -18.89 1.97 -13.23
CA ILE B 144 -19.54 1.36 -12.07
C ILE B 144 -18.79 1.90 -10.88
N VAL B 145 -19.51 2.39 -9.86
CA VAL B 145 -18.92 2.96 -8.62
C VAL B 145 -19.59 2.35 -7.41
N GLY B 146 -18.78 1.89 -6.46
CA GLY B 146 -19.24 1.39 -5.17
C GLY B 146 -18.70 2.22 -4.01
N MET B 147 -19.30 2.07 -2.84
CA MET B 147 -18.94 2.88 -1.68
C MET B 147 -18.05 2.09 -0.73
N ASP B 148 -16.90 2.66 -0.40
CA ASP B 148 -15.90 2.02 0.45
C ASP B 148 -15.77 2.81 1.76
N PHE B 149 -15.19 2.18 2.77
CA PHE B 149 -14.72 2.87 3.96
C PHE B 149 -13.41 2.18 4.26
N ASP B 150 -12.33 2.96 4.18
CA ASP B 150 -10.93 2.48 4.18
C ASP B 150 -10.72 1.44 5.29
N PRO B 151 -10.55 0.15 4.90
CA PRO B 151 -10.32 -0.93 5.85
C PRO B 151 -8.86 -1.41 5.95
N SER B 152 -7.91 -0.60 5.48
CA SER B 152 -6.51 -1.05 5.44
C SER B 152 -5.90 -1.17 6.82
N ARG B 153 -6.46 -0.45 7.80
CA ARG B 153 -6.11 -0.61 9.22
C ARG B 153 -7.34 -0.96 10.04
N ALA B 154 -7.15 -1.76 11.08
CA ALA B 154 -8.24 -2.12 11.97
C ALA B 154 -8.60 -0.96 12.88
N MET B 155 -9.82 -1.00 13.36
CA MET B 155 -10.36 0.10 14.11
C MET B 155 -11.48 -0.40 15.00
N PRO B 156 -11.77 0.34 16.08
CA PRO B 156 -12.84 -0.05 17.01
C PRO B 156 -14.23 -0.01 16.36
N ALA B 157 -15.16 -0.82 16.85
CA ALA B 157 -16.57 -0.76 16.45
C ALA B 157 -16.92 -1.30 15.04
N TYR B 158 -16.16 -0.88 14.04
CA TYR B 158 -16.48 -1.21 12.65
C TYR B 158 -16.35 -2.71 12.41
N ASN B 159 -15.41 -3.34 13.13
CA ASN B 159 -15.37 -4.81 13.23
C ASN B 159 -15.50 -5.57 11.91
N TRP B 160 -16.45 -6.50 11.82
CA TRP B 160 -16.64 -7.34 10.66
C TRP B 160 -17.09 -6.58 9.40
N MET B 161 -17.57 -5.34 9.55
CA MET B 161 -17.87 -4.50 8.39
C MET B 161 -16.55 -4.03 7.74
N THR B 162 -15.50 -3.85 8.54
CA THR B 162 -14.15 -3.56 8.01
C THR B 162 -13.70 -4.70 7.09
N VAL B 163 -13.89 -5.92 7.57
CA VAL B 163 -13.56 -7.15 6.83
C VAL B 163 -14.36 -7.22 5.50
N ALA B 164 -15.67 -7.01 5.58
CA ALA B 164 -16.54 -6.85 4.41
C ALA B 164 -16.02 -5.84 3.37
N LYS B 165 -15.51 -4.70 3.84
CA LYS B 165 -14.98 -3.65 2.96
C LYS B 165 -13.63 -4.03 2.33
N SER B 166 -12.78 -4.68 3.12
CA SER B 166 -11.55 -5.32 2.61
C SER B 166 -11.91 -6.32 1.47
N ALA B 167 -12.89 -7.18 1.73
CA ALA B 167 -13.45 -8.07 0.67
C ALA B 167 -13.94 -7.32 -0.56
N LEU B 168 -14.61 -6.18 -0.35
CA LEU B 168 -15.20 -5.38 -1.43
C LEU B 168 -14.14 -4.79 -2.31
N GLU B 169 -13.07 -4.26 -1.70
CA GLU B 169 -11.92 -3.71 -2.44
C GLU B 169 -11.26 -4.75 -3.37
N SER B 170 -11.19 -5.98 -2.89
CA SER B 170 -10.70 -7.09 -3.69
C SER B 170 -11.65 -7.45 -4.84
N VAL B 171 -12.94 -7.46 -4.54
CA VAL B 171 -13.97 -7.76 -5.55
C VAL B 171 -13.95 -6.68 -6.65
N ASN B 172 -13.84 -5.41 -6.25
CA ASN B 172 -13.69 -4.31 -7.21
C ASN B 172 -12.56 -4.50 -8.24
N ARG B 173 -11.40 -5.00 -7.81
CA ARG B 173 -10.26 -5.19 -8.70
C ARG B 173 -10.58 -6.22 -9.78
N PHE B 174 -11.31 -7.25 -9.39
CA PHE B 174 -11.76 -8.29 -10.31
C PHE B 174 -12.94 -7.85 -11.16
N VAL B 175 -13.90 -7.14 -10.58
CA VAL B 175 -14.99 -6.55 -11.40
C VAL B 175 -14.40 -5.68 -12.54
N ALA B 176 -13.35 -4.91 -12.22
CA ALA B 176 -12.62 -4.12 -13.21
C ALA B 176 -12.12 -4.99 -14.37
N ARG B 177 -11.67 -6.20 -14.08
CA ARG B 177 -11.20 -7.10 -15.15
C ARG B 177 -12.35 -7.40 -16.11
N GLU B 178 -13.50 -7.74 -15.53
CA GLU B 178 -14.67 -8.07 -16.32
C GLU B 178 -15.23 -6.90 -17.11
N ALA B 179 -15.27 -5.72 -16.46
CA ALA B 179 -15.91 -4.54 -17.04
C ALA B 179 -15.09 -3.96 -18.17
N GLY B 180 -13.77 -4.11 -18.07
CA GLY B 180 -12.87 -3.70 -19.12
C GLY B 180 -13.09 -4.43 -20.43
N LYS B 181 -13.67 -5.62 -20.38
CA LYS B 181 -14.02 -6.38 -21.58
C LYS B 181 -15.13 -5.66 -22.37
N TYR B 182 -15.82 -4.74 -21.68
CA TYR B 182 -16.93 -3.93 -22.22
C TYR B 182 -16.58 -2.45 -22.37
N GLY B 183 -15.33 -2.08 -22.08
CA GLY B 183 -14.91 -0.67 -22.13
C GLY B 183 -15.36 0.15 -20.93
N VAL B 184 -15.78 -0.55 -19.88
CA VAL B 184 -16.37 0.05 -18.68
C VAL B 184 -15.36 0.07 -17.52
N ARG B 185 -15.43 1.12 -16.69
CA ARG B 185 -14.54 1.25 -15.53
C ARG B 185 -15.25 0.75 -14.29
N SER B 186 -14.48 0.36 -13.28
CA SER B 186 -15.03 -0.03 -11.99
C SER B 186 -14.16 0.57 -10.92
N ASN B 187 -14.78 1.29 -9.99
CA ASN B 187 -14.05 2.03 -8.95
C ASN B 187 -14.83 2.16 -7.67
N LEU B 188 -14.12 2.35 -6.58
CA LEU B 188 -14.73 2.57 -5.28
C LEU B 188 -14.44 4.00 -4.82
N VAL B 189 -15.37 4.57 -4.04
CA VAL B 189 -15.12 5.86 -3.38
C VAL B 189 -15.03 5.59 -1.89
N ALA B 190 -13.84 5.79 -1.32
CA ALA B 190 -13.68 5.56 0.10
C ALA B 190 -14.02 6.88 0.78
N ALA B 191 -15.16 6.92 1.45
CA ALA B 191 -15.64 8.16 2.08
C ALA B 191 -15.22 8.21 3.54
N GLY B 192 -15.01 9.43 4.03
CA GLY B 192 -14.95 9.71 5.48
C GLY B 192 -16.32 9.46 6.11
N PRO B 193 -16.43 9.51 7.45
CA PRO B 193 -17.71 9.18 8.09
C PRO B 193 -18.80 10.24 7.87
N ILE B 194 -20.01 9.79 7.56
CA ILE B 194 -21.14 10.68 7.29
C ILE B 194 -22.33 10.32 8.20
N ARG B 195 -22.96 11.35 8.74
CA ARG B 195 -24.22 11.25 9.46
C ARG B 195 -25.33 10.69 8.56
N THR B 196 -25.39 9.37 8.51
CA THR B 196 -26.40 8.66 7.74
C THR B 196 -27.08 7.72 8.73
N LEU B 197 -28.21 7.11 8.36
CA LEU B 197 -28.95 6.23 9.29
C LEU B 197 -28.26 4.90 9.60
N ALA B 198 -27.24 4.54 8.82
CA ALA B 198 -26.47 3.33 9.07
C ALA B 198 -25.45 3.53 10.21
N ALA B 213 -19.09 4.82 22.13
CA ALA B 213 -18.09 5.67 22.77
C ALA B 213 -16.91 5.98 21.86
N GLN B 214 -16.29 4.93 21.32
CA GLN B 214 -15.15 5.06 20.40
C GLN B 214 -15.57 5.64 19.06
N ILE B 215 -16.79 5.29 18.62
CA ILE B 215 -17.36 5.77 17.37
C ILE B 215 -17.15 7.27 17.19
N GLN B 216 -17.42 8.04 18.24
CA GLN B 216 -17.26 9.48 18.22
C GLN B 216 -15.80 9.91 18.17
N LEU B 217 -14.96 9.29 19.02
CA LEU B 217 -13.52 9.55 19.05
C LEU B 217 -12.87 9.29 17.67
N LEU B 218 -13.27 8.19 17.05
CA LEU B 218 -12.78 7.77 15.74
C LEU B 218 -13.16 8.79 14.67
N GLU B 219 -14.45 9.04 14.56
CA GLU B 219 -15.01 9.95 13.56
C GLU B 219 -14.53 11.40 13.68
N GLU B 220 -14.35 11.86 14.92
CA GLU B 220 -13.85 13.21 15.18
C GLU B 220 -12.35 13.39 14.86
N GLY B 221 -11.64 12.26 14.73
CA GLY B 221 -10.26 12.26 14.26
C GLY B 221 -10.16 12.72 12.82
N TRP B 222 -11.18 12.41 12.01
CA TRP B 222 -11.24 12.84 10.61
C TRP B 222 -11.01 14.33 10.39
N ASP B 223 -11.83 15.16 11.01
CA ASP B 223 -11.71 16.61 10.83
C ASP B 223 -10.34 17.12 11.24
N GLN B 224 -9.78 16.51 12.29
CA GLN B 224 -8.47 16.91 12.80
C GLN B 224 -7.37 16.55 11.81
N ARG B 225 -7.44 15.33 11.30
CA ARG B 225 -6.43 14.76 10.42
C ARG B 225 -6.46 15.38 9.02
N ALA B 226 -7.67 15.70 8.56
CA ALA B 226 -7.92 16.23 7.22
C ALA B 226 -7.33 17.63 7.00
N PRO B 227 -6.34 17.77 6.09
CA PRO B 227 -5.71 19.07 5.78
C PRO B 227 -6.71 20.15 5.31
N ILE B 228 -7.87 19.72 4.80
CA ILE B 228 -8.91 20.65 4.37
C ILE B 228 -10.18 20.46 5.21
N GLY B 229 -10.06 19.70 6.28
CA GLY B 229 -11.15 19.48 7.22
C GLY B 229 -12.16 18.46 6.72
N TRP B 230 -13.04 18.05 7.61
CA TRP B 230 -14.06 17.09 7.27
C TRP B 230 -15.36 17.38 8.03
N ASN B 231 -16.48 17.38 7.32
CA ASN B 231 -17.79 17.65 7.88
C ASN B 231 -18.66 16.40 7.75
N MET B 232 -18.84 15.70 8.87
CA MET B 232 -19.65 14.48 8.90
C MET B 232 -21.11 14.72 8.52
N LYS B 233 -21.56 15.97 8.63
CA LYS B 233 -22.95 16.29 8.34
C LYS B 233 -23.20 16.64 6.87
N ASP B 234 -22.12 16.83 6.12
CA ASP B 234 -22.20 17.21 4.70
C ASP B 234 -21.87 16.04 3.77
N ALA B 235 -22.90 15.44 3.16
CA ALA B 235 -22.73 14.32 2.19
C ALA B 235 -22.30 14.77 0.79
N THR B 236 -22.46 16.04 0.47
CA THR B 236 -22.33 16.50 -0.92
C THR B 236 -20.91 16.39 -1.54
N PRO B 237 -19.85 16.62 -0.76
CA PRO B 237 -18.51 16.38 -1.29
C PRO B 237 -18.31 14.93 -1.81
N VAL B 238 -18.81 13.94 -1.07
CA VAL B 238 -18.64 12.55 -1.50
C VAL B 238 -19.54 12.25 -2.73
N ALA B 239 -20.69 12.91 -2.81
CA ALA B 239 -21.67 12.70 -3.88
C ALA B 239 -21.10 13.21 -5.17
N LYS B 240 -20.37 14.33 -5.08
CA LYS B 240 -19.73 14.94 -6.24
C LYS B 240 -18.58 14.09 -6.73
N THR B 241 -17.89 13.45 -5.78
CA THR B 241 -16.80 12.55 -6.12
C THR B 241 -17.31 11.37 -6.93
N VAL B 242 -18.38 10.74 -6.46
CA VAL B 242 -19.05 9.68 -7.19
C VAL B 242 -19.38 10.17 -8.61
N CYS B 243 -19.94 11.38 -8.71
CA CYS B 243 -20.26 11.93 -10.02
C CYS B 243 -19.03 12.14 -10.91
N ALA B 244 -17.91 12.63 -10.34
CA ALA B 244 -16.66 12.75 -11.08
C ALA B 244 -16.29 11.44 -11.76
N LEU B 245 -16.40 10.35 -11.00
CA LEU B 245 -16.13 9.00 -11.52
C LEU B 245 -17.18 8.48 -12.51
N LEU B 246 -18.45 8.90 -12.36
CA LEU B 246 -19.48 8.54 -13.36
C LEU B 246 -19.30 9.30 -14.67
N SER B 247 -18.50 10.36 -14.64
CA SER B 247 -18.33 11.25 -15.79
C SER B 247 -17.21 10.74 -16.70
N ASP B 248 -16.94 11.47 -17.78
CA ASP B 248 -15.84 11.08 -18.64
C ASP B 248 -14.52 11.72 -18.21
N TRP B 249 -14.42 12.21 -16.98
CA TRP B 249 -13.28 13.03 -16.56
C TRP B 249 -12.17 12.29 -15.84
N LEU B 250 -12.45 11.04 -15.51
CA LEU B 250 -11.46 10.10 -14.99
C LEU B 250 -11.47 8.85 -15.90
N PRO B 251 -11.14 9.01 -17.21
CA PRO B 251 -11.41 7.91 -18.17
C PRO B 251 -10.37 6.77 -18.14
N ALA B 252 -9.33 6.94 -17.31
CA ALA B 252 -8.21 6.00 -17.25
C ALA B 252 -8.00 5.40 -15.85
N THR B 253 -9.03 5.46 -15.01
CA THR B 253 -8.91 4.86 -13.69
C THR B 253 -9.95 3.77 -13.51
N THR B 254 -9.45 2.59 -13.14
CA THR B 254 -10.24 1.36 -12.89
C THR B 254 -9.58 0.42 -11.90
N GLY B 255 -10.39 -0.47 -11.34
CA GLY B 255 -10.00 -1.37 -10.27
C GLY B 255 -9.48 -0.57 -9.09
N ASP B 256 -9.88 0.70 -9.02
CA ASP B 256 -9.24 1.66 -8.10
C ASP B 256 -10.14 2.21 -6.99
N ILE B 257 -9.55 2.99 -6.08
CA ILE B 257 -10.21 3.59 -4.95
C ILE B 257 -9.89 5.08 -4.89
N ILE B 258 -10.93 5.90 -4.95
CA ILE B 258 -10.82 7.37 -4.75
C ILE B 258 -11.28 7.70 -3.34
N TYR B 259 -10.46 8.50 -2.65
CA TYR B 259 -10.68 8.83 -1.27
C TYR B 259 -11.29 10.21 -1.14
N ALA B 260 -12.56 10.22 -0.76
CA ALA B 260 -13.30 11.47 -0.46
C ALA B 260 -13.43 11.57 1.05
N ASP B 261 -12.31 11.93 1.70
CA ASP B 261 -12.21 11.94 3.14
C ASP B 261 -11.50 13.20 3.72
N GLY B 262 -11.43 14.26 2.93
CA GLY B 262 -10.70 15.48 3.32
C GLY B 262 -9.19 15.26 3.41
N GLY B 263 -8.74 14.10 2.93
CA GLY B 263 -7.32 13.74 2.96
C GLY B 263 -6.88 13.14 4.28
N ALA B 264 -7.84 12.79 5.14
CA ALA B 264 -7.50 12.26 6.45
C ALA B 264 -6.61 11.01 6.40
N HIS B 265 -6.83 10.13 5.41
CA HIS B 265 -6.05 8.88 5.32
C HIS B 265 -4.59 9.07 4.92
N THR B 266 -4.23 10.29 4.54
CA THR B 266 -2.86 10.62 4.08
C THR B 266 -1.98 11.20 5.20
N GLN B 267 -2.54 11.30 6.41
CA GLN B 267 -1.90 11.99 7.54
C GLN B 267 -1.93 11.12 8.78
N LEU B 268 -0.86 11.13 9.55
CA LEU B 268 -0.83 10.34 10.78
C LEU B 268 -1.58 11.04 11.92
N LEU B 269 -1.25 12.30 12.18
CA LEU B 269 -2.10 13.17 12.99
C LEU B 269 -1.87 14.63 12.62
N THR C 2 -21.01 26.42 -20.10
CA THR C 2 -20.19 25.25 -20.54
C THR C 2 -18.75 25.26 -19.96
N GLY C 3 -18.18 24.07 -19.76
CA GLY C 3 -16.78 23.92 -19.42
C GLY C 3 -16.53 23.60 -17.96
N LEU C 4 -15.82 22.49 -17.74
CA LEU C 4 -15.47 22.01 -16.39
C LEU C 4 -14.73 23.05 -15.56
N LEU C 5 -13.92 23.87 -16.22
CA LEU C 5 -12.99 24.80 -15.55
C LEU C 5 -13.29 26.29 -15.84
N ASP C 6 -14.55 26.59 -16.17
CA ASP C 6 -14.95 27.91 -16.62
C ASP C 6 -14.65 28.99 -15.59
N GLY C 7 -14.02 30.07 -16.05
CA GLY C 7 -13.63 31.18 -15.18
C GLY C 7 -12.54 30.87 -14.15
N LYS C 8 -11.74 29.83 -14.39
CA LYS C 8 -10.64 29.54 -13.47
C LYS C 8 -9.31 29.98 -14.02
N ARG C 9 -8.47 30.48 -13.12
CA ARG C 9 -7.13 30.91 -13.48
C ARG C 9 -6.17 29.84 -13.00
N ILE C 10 -5.52 29.19 -13.97
CA ILE C 10 -4.64 28.05 -13.73
C ILE C 10 -3.23 28.24 -14.35
N LEU C 11 -2.21 28.08 -13.52
CA LEU C 11 -0.83 28.07 -13.95
C LEU C 11 -0.54 26.63 -14.40
N VAL C 12 0.04 26.47 -15.59
CA VAL C 12 0.53 25.14 -16.06
C VAL C 12 2.01 25.19 -16.37
N SER C 13 2.82 24.43 -15.62
CA SER C 13 4.25 24.32 -15.94
C SER C 13 4.56 23.03 -16.76
N GLY C 14 5.77 22.96 -17.33
CA GLY C 14 6.27 21.71 -17.96
C GLY C 14 6.04 21.45 -19.44
N ILE C 15 5.48 22.41 -20.17
CA ILE C 15 5.45 22.35 -21.63
C ILE C 15 6.86 22.46 -22.25
N ILE C 16 7.28 21.41 -22.97
CA ILE C 16 8.50 21.47 -23.77
C ILE C 16 8.22 21.24 -25.26
N THR C 17 7.41 20.21 -25.57
CA THR C 17 6.94 19.91 -26.93
C THR C 17 5.42 19.80 -26.92
N ASP C 18 4.80 19.66 -28.10
CA ASP C 18 3.36 19.46 -28.15
C ASP C 18 2.95 18.03 -27.78
N SER C 19 3.93 17.22 -27.43
CA SER C 19 3.61 15.91 -26.89
C SER C 19 3.76 15.88 -25.35
N SER C 20 4.25 16.98 -24.77
CA SER C 20 4.33 17.14 -23.31
C SER C 20 2.97 16.85 -22.66
N ILE C 21 2.97 16.11 -21.56
CA ILE C 21 1.74 15.93 -20.78
C ILE C 21 1.14 17.33 -20.44
N ALA C 22 2.00 18.27 -20.04
CA ALA C 22 1.54 19.63 -19.74
C ALA C 22 0.88 20.32 -20.94
N PHE C 23 1.32 20.02 -22.15
CA PHE C 23 0.70 20.61 -23.34
C PHE C 23 -0.76 20.17 -23.43
N HIS C 24 -1.02 18.90 -23.15
CA HIS C 24 -2.37 18.34 -23.17
C HIS C 24 -3.26 18.78 -22.00
N ILE C 25 -2.67 18.86 -20.78
CA ILE C 25 -3.39 19.42 -19.65
C ILE C 25 -3.85 20.84 -20.05
N ALA C 26 -2.93 21.63 -20.62
CA ALA C 26 -3.24 23.00 -21.02
C ALA C 26 -4.28 23.10 -22.13
N ARG C 27 -4.16 22.24 -23.16
CA ARG C 27 -5.15 22.18 -24.20
C ARG C 27 -6.54 21.79 -23.65
N VAL C 28 -6.61 20.70 -22.88
CA VAL C 28 -7.89 20.27 -22.27
C VAL C 28 -8.49 21.37 -21.39
N ALA C 29 -7.64 22.00 -20.57
CA ALA C 29 -8.07 23.07 -19.65
C ALA C 29 -8.69 24.26 -20.40
N GLN C 30 -8.04 24.69 -21.48
CA GLN C 30 -8.58 25.79 -22.27
C GLN C 30 -9.90 25.44 -22.96
N GLU C 31 -10.01 24.21 -23.48
CA GLU C 31 -11.25 23.74 -24.11
C GLU C 31 -12.41 23.70 -23.12
N GLN C 32 -12.06 23.63 -21.83
CA GLN C 32 -13.02 23.62 -20.73
C GLN C 32 -13.21 24.99 -20.08
N GLY C 33 -12.65 26.01 -20.69
CA GLY C 33 -12.96 27.39 -20.30
C GLY C 33 -11.94 28.05 -19.39
N ALA C 34 -10.83 27.35 -19.12
CA ALA C 34 -9.80 27.86 -18.24
C ALA C 34 -9.00 28.99 -18.88
N GLN C 35 -8.54 29.89 -18.03
CA GLN C 35 -7.71 30.99 -18.45
C GLN C 35 -6.33 30.79 -17.82
N LEU C 36 -5.32 30.63 -18.67
CA LEU C 36 -4.03 30.07 -18.25
C LEU C 36 -2.88 31.06 -18.27
N VAL C 37 -1.93 30.81 -17.38
CA VAL C 37 -0.58 31.35 -17.41
C VAL C 37 0.28 30.11 -17.53
N LEU C 38 1.30 30.15 -18.38
CA LEU C 38 2.16 28.99 -18.62
C LEU C 38 3.57 29.32 -18.18
N THR C 39 4.30 28.32 -17.69
CA THR C 39 5.74 28.51 -17.46
C THR C 39 6.57 27.51 -18.26
N GLY C 40 7.75 27.96 -18.67
CA GLY C 40 8.70 27.16 -19.44
C GLY C 40 10.11 27.27 -18.89
N PHE C 41 10.89 26.20 -19.06
CA PHE C 41 12.20 26.12 -18.42
C PHE C 41 13.34 26.82 -19.17
N ASP C 42 13.71 26.31 -20.34
CA ASP C 42 15.05 26.64 -20.87
C ASP C 42 15.05 27.10 -22.35
N ARG C 43 14.35 26.36 -23.20
CA ARG C 43 14.17 26.74 -24.60
C ARG C 43 12.94 27.65 -24.71
N LEU C 44 13.00 28.85 -24.14
CA LEU C 44 11.81 29.71 -24.02
C LEU C 44 11.26 30.23 -25.34
N ARG C 45 12.16 30.59 -26.25
CA ARG C 45 11.79 31.05 -27.58
C ARG C 45 11.02 29.97 -28.34
N LEU C 46 11.48 28.72 -28.28
CA LEU C 46 10.72 27.67 -28.96
C LEU C 46 9.48 27.17 -28.18
N ILE C 47 9.50 27.29 -26.85
CA ILE C 47 8.30 26.98 -26.05
C ILE C 47 7.16 27.92 -26.47
N GLN C 48 7.49 29.17 -26.73
CA GLN C 48 6.54 30.18 -27.22
C GLN C 48 5.89 29.77 -28.54
N ARG C 49 6.73 29.31 -29.47
CA ARG C 49 6.26 28.77 -30.75
C ARG C 49 5.30 27.58 -30.54
N ILE C 50 5.63 26.72 -29.57
CA ILE C 50 4.80 25.56 -29.21
C ILE C 50 3.46 25.99 -28.61
N THR C 51 3.51 26.90 -27.64
CA THR C 51 2.30 27.34 -26.93
C THR C 51 1.36 28.15 -27.84
N ASP C 52 1.91 28.67 -28.94
CA ASP C 52 1.11 29.24 -30.03
C ASP C 52 0.16 28.20 -30.64
N ARG C 53 0.46 26.91 -30.50
CA ARG C 53 -0.39 25.84 -31.04
C ARG C 53 -1.56 25.48 -30.12
N LEU C 54 -1.59 26.07 -28.93
CA LEU C 54 -2.70 25.94 -27.99
C LEU C 54 -3.97 26.60 -28.56
N PRO C 55 -5.18 26.14 -28.17
CA PRO C 55 -6.44 26.73 -28.66
C PRO C 55 -6.58 28.25 -28.43
N ALA C 56 -6.05 28.75 -27.32
CA ALA C 56 -6.07 30.19 -26.99
C ALA C 56 -4.69 30.70 -26.56
N LYS C 57 -4.48 32.02 -26.67
CA LYS C 57 -3.24 32.65 -26.24
C LYS C 57 -3.16 32.75 -24.71
N ALA C 58 -1.96 32.59 -24.18
CA ALA C 58 -1.72 32.66 -22.75
C ALA C 58 -0.32 33.22 -22.53
N PRO C 59 -0.16 34.06 -21.49
CA PRO C 59 1.17 34.57 -21.19
C PRO C 59 2.14 33.45 -20.84
N LEU C 60 3.39 33.59 -21.26
CA LEU C 60 4.44 32.63 -20.94
C LEU C 60 5.48 33.27 -20.05
N LEU C 61 5.79 32.60 -18.94
CA LEU C 61 6.77 33.09 -17.97
C LEU C 61 7.91 32.09 -17.82
N GLU C 62 9.13 32.58 -17.70
CA GLU C 62 10.28 31.73 -17.47
C GLU C 62 10.33 31.30 -16.02
N LEU C 63 10.41 29.99 -15.83
CA LEU C 63 10.58 29.41 -14.50
C LEU C 63 11.55 28.26 -14.60
N ASP C 64 12.72 28.44 -13.99
CA ASP C 64 13.68 27.39 -13.75
C ASP C 64 13.62 27.12 -12.25
N VAL C 65 13.20 25.90 -11.93
CA VAL C 65 12.83 25.49 -10.58
C VAL C 65 14.01 25.42 -9.58
N GLN C 66 15.23 25.50 -10.10
CA GLN C 66 16.43 25.57 -9.27
C GLN C 66 16.91 27.00 -9.02
N ASN C 67 16.24 27.96 -9.65
CA ASN C 67 16.65 29.36 -9.65
C ASN C 67 15.89 30.10 -8.57
N GLU C 68 16.59 30.42 -7.48
CA GLU C 68 16.02 31.18 -6.34
C GLU C 68 15.21 32.45 -6.68
N GLU C 69 15.67 33.27 -7.62
CA GLU C 69 14.90 34.48 -7.96
C GLU C 69 13.81 34.33 -9.02
N HIS C 70 13.87 33.30 -9.84
CA HIS C 70 12.69 32.90 -10.63
C HIS C 70 11.53 32.57 -9.66
N LEU C 71 11.87 31.88 -8.56
CA LEU C 71 10.86 31.50 -7.57
C LEU C 71 10.40 32.70 -6.74
N ALA C 72 11.34 33.51 -6.27
CA ALA C 72 11.07 34.74 -5.49
C ALA C 72 10.18 35.74 -6.23
N SER C 73 10.33 35.80 -7.55
CA SER C 73 9.57 36.75 -8.36
C SER C 73 8.34 36.16 -9.04
N LEU C 74 8.15 34.85 -8.91
CA LEU C 74 7.07 34.14 -9.62
C LEU C 74 5.68 34.75 -9.39
N ALA C 75 5.33 34.93 -8.12
CA ALA C 75 4.01 35.45 -7.74
C ALA C 75 3.75 36.84 -8.30
N GLY C 76 4.78 37.68 -8.28
CA GLY C 76 4.68 39.04 -8.82
C GLY C 76 4.40 39.02 -10.30
N ARG C 77 5.17 38.18 -11.01
CA ARG C 77 5.07 38.03 -12.46
C ARG C 77 3.78 37.37 -12.90
N VAL C 78 3.25 36.46 -12.08
CA VAL C 78 1.95 35.87 -12.35
C VAL C 78 0.84 36.91 -12.18
N THR C 79 0.90 37.64 -11.06
CA THR C 79 -0.07 38.68 -10.76
C THR C 79 -0.13 39.75 -11.86
N GLU C 80 1.02 40.22 -12.37
CA GLU C 80 1.03 41.09 -13.56
C GLU C 80 0.23 40.47 -14.71
N ALA C 81 0.53 39.20 -15.00
CA ALA C 81 -0.07 38.45 -16.10
C ALA C 81 -1.58 38.33 -15.99
N ILE C 82 -2.08 37.91 -14.83
CA ILE C 82 -3.52 37.75 -14.60
C ILE C 82 -4.22 39.04 -14.17
N GLY C 83 -3.42 40.04 -13.80
CA GLY C 83 -3.96 41.34 -13.39
C GLY C 83 -4.15 41.41 -11.89
N ALA C 84 -3.79 42.57 -11.32
CA ALA C 84 -3.85 42.81 -9.89
C ALA C 84 -5.24 42.48 -9.32
N GLY C 85 -5.28 41.98 -8.08
CA GLY C 85 -6.54 41.59 -7.44
C GLY C 85 -7.17 40.30 -7.95
N ASN C 86 -6.55 39.70 -8.97
CA ASN C 86 -6.92 38.38 -9.43
C ASN C 86 -5.93 37.36 -8.90
N LYS C 87 -6.46 36.26 -8.33
CA LYS C 87 -5.64 35.13 -7.87
C LYS C 87 -5.83 33.87 -8.72
N LEU C 88 -4.90 32.92 -8.60
CA LEU C 88 -5.02 31.60 -9.27
C LEU C 88 -5.98 30.62 -8.55
N ASP C 89 -6.62 29.76 -9.33
CA ASP C 89 -7.48 28.69 -8.82
C ASP C 89 -6.80 27.32 -8.96
N GLY C 90 -5.77 27.27 -9.80
CA GLY C 90 -5.09 26.03 -10.14
C GLY C 90 -3.61 26.23 -10.36
N VAL C 91 -2.82 25.26 -9.94
CA VAL C 91 -1.41 25.20 -10.26
C VAL C 91 -1.08 23.76 -10.72
N VAL C 92 -0.45 23.63 -11.89
CA VAL C 92 -0.02 22.32 -12.40
C VAL C 92 1.52 22.22 -12.52
N HIS C 93 2.08 21.36 -11.69
CA HIS C 93 3.50 20.97 -11.71
C HIS C 93 3.63 19.74 -12.61
N SER C 94 4.17 19.93 -13.82
CA SER C 94 4.45 18.82 -14.73
C SER C 94 5.92 18.89 -15.09
N ILE C 95 6.78 18.86 -14.08
CA ILE C 95 8.21 18.95 -14.33
C ILE C 95 9.00 17.80 -13.71
N GLY C 96 10.13 17.49 -14.35
CA GLY C 96 10.94 16.37 -13.92
C GLY C 96 12.23 16.33 -14.68
N PHE C 97 13.28 15.89 -14.01
CA PHE C 97 14.59 15.65 -14.62
C PHE C 97 15.44 14.74 -13.73
N MET C 98 16.21 13.88 -14.39
CA MET C 98 17.25 13.11 -13.74
C MET C 98 18.43 12.93 -14.71
N PRO C 99 19.66 13.32 -14.31
CA PRO C 99 20.87 13.07 -15.11
C PRO C 99 20.96 11.62 -15.60
N GLN C 100 21.52 11.41 -16.81
CA GLN C 100 21.66 10.06 -17.41
C GLN C 100 22.26 9.04 -16.47
N THR C 101 23.17 9.45 -15.57
CA THR C 101 23.84 8.49 -14.65
C THR C 101 22.84 7.73 -13.77
N GLY C 102 21.72 8.35 -13.43
CA GLY C 102 20.72 7.68 -12.60
C GLY C 102 19.49 7.17 -13.32
N MET C 103 19.62 6.88 -14.62
CA MET C 103 18.47 6.93 -15.54
C MET C 103 18.20 5.77 -16.51
N GLY C 104 18.96 4.68 -16.52
CA GLY C 104 18.60 3.60 -17.46
C GLY C 104 19.40 2.33 -17.35
N ILE C 105 20.34 2.15 -18.26
CA ILE C 105 21.28 1.03 -18.15
C ILE C 105 22.54 1.39 -17.32
N ASN C 106 22.76 2.68 -16.98
CA ASN C 106 23.81 3.05 -15.99
C ASN C 106 23.55 2.28 -14.71
N PRO C 107 24.57 1.59 -14.18
CA PRO C 107 24.37 0.91 -12.91
C PRO C 107 23.91 1.90 -11.83
N PHE C 108 22.91 1.48 -11.07
CA PHE C 108 22.33 2.21 -9.95
C PHE C 108 23.41 2.78 -9.02
N PHE C 109 24.46 1.99 -8.76
CA PHE C 109 25.51 2.38 -7.82
C PHE C 109 26.50 3.42 -8.34
N ASP C 110 26.41 3.76 -9.62
CA ASP C 110 27.40 4.67 -10.21
C ASP C 110 26.90 6.10 -10.36
N ALA C 111 25.63 6.34 -10.07
CA ALA C 111 25.09 7.70 -10.09
C ALA C 111 25.65 8.46 -8.89
N PRO C 112 26.46 9.52 -9.13
CA PRO C 112 27.03 10.36 -8.06
C PRO C 112 25.93 11.10 -7.35
N TYR C 113 26.12 11.41 -6.07
CA TYR C 113 25.06 12.08 -5.35
C TYR C 113 24.75 13.48 -5.88
N ALA C 114 25.72 14.13 -6.53
CA ALA C 114 25.44 15.41 -7.17
C ALA C 114 24.38 15.26 -8.27
N ASP C 115 24.45 14.15 -9.00
CA ASP C 115 23.48 13.85 -10.06
C ASP C 115 22.11 13.54 -9.46
N VAL C 116 22.10 12.67 -8.46
CA VAL C 116 20.87 12.31 -7.76
C VAL C 116 20.17 13.51 -7.12
N SER C 117 20.96 14.41 -6.53
CA SER C 117 20.46 15.57 -5.80
C SER C 117 19.81 16.59 -6.73
N LYS C 118 20.41 16.79 -7.90
CA LYS C 118 19.82 17.61 -8.96
C LYS C 118 18.44 17.08 -9.41
N GLY C 119 18.34 15.77 -9.64
CA GLY C 119 17.08 15.16 -10.04
C GLY C 119 16.00 15.26 -8.96
N ILE C 120 16.38 14.93 -7.72
CA ILE C 120 15.46 15.10 -6.59
C ILE C 120 15.02 16.56 -6.42
N HIS C 121 15.93 17.50 -6.69
CA HIS C 121 15.67 18.94 -6.59
C HIS C 121 14.61 19.37 -7.63
N ILE C 122 14.82 18.97 -8.89
CA ILE C 122 13.91 19.32 -9.98
C ILE C 122 12.58 18.55 -9.86
N SER C 123 12.67 17.24 -9.56
CA SER C 123 11.49 16.38 -9.69
C SER C 123 10.62 16.36 -8.44
N ALA C 124 11.18 16.72 -7.28
CA ALA C 124 10.48 16.54 -6.02
C ALA C 124 10.34 17.79 -5.12
N TYR C 125 11.48 18.33 -4.65
CA TYR C 125 11.53 19.54 -3.79
C TYR C 125 10.79 20.71 -4.43
N SER C 126 10.89 20.80 -5.75
CA SER C 126 10.30 21.88 -6.53
C SER C 126 8.78 21.91 -6.44
N TYR C 127 8.18 20.76 -6.15
CA TYR C 127 6.75 20.72 -5.91
C TYR C 127 6.40 21.57 -4.69
N ALA C 128 7.18 21.38 -3.61
CA ALA C 128 7.14 22.27 -2.45
C ALA C 128 7.47 23.72 -2.76
N SER C 129 8.56 23.99 -3.49
CA SER C 129 8.89 25.41 -3.75
C SER C 129 7.89 26.10 -4.67
N MET C 130 7.30 25.38 -5.62
CA MET C 130 6.20 25.97 -6.40
C MET C 130 4.99 26.28 -5.55
N ALA C 131 4.68 25.41 -4.58
CA ALA C 131 3.55 25.64 -3.68
C ALA C 131 3.83 26.82 -2.76
N LYS C 132 5.05 26.89 -2.20
CA LYS C 132 5.42 27.96 -1.29
C LYS C 132 5.18 29.31 -1.97
N ALA C 133 5.59 29.38 -3.25
CA ALA C 133 5.56 30.56 -4.08
C ALA C 133 4.17 31.04 -4.41
N LEU C 134 3.30 30.08 -4.71
CA LEU C 134 2.04 30.38 -5.37
C LEU C 134 0.83 30.31 -4.44
N LEU C 135 0.92 29.57 -3.34
CA LEU C 135 -0.17 29.53 -2.36
C LEU C 135 -0.67 30.91 -1.89
N PRO C 136 0.26 31.85 -1.58
CA PRO C 136 -0.08 33.27 -1.30
C PRO C 136 -0.85 33.98 -2.42
N ILE C 137 -0.84 33.42 -3.63
CA ILE C 137 -1.68 33.97 -4.71
C ILE C 137 -2.73 32.96 -5.22
N MET C 138 -3.21 32.12 -4.32
CA MET C 138 -4.29 31.21 -4.67
C MET C 138 -5.55 31.48 -3.85
N ASN C 139 -6.68 31.35 -4.53
CA ASN C 139 -8.01 31.42 -3.93
C ASN C 139 -8.39 30.15 -3.16
N PRO C 140 -9.22 30.30 -2.10
CA PRO C 140 -9.88 29.17 -1.44
C PRO C 140 -10.59 28.26 -2.44
N GLY C 141 -10.58 26.95 -2.19
CA GLY C 141 -11.20 25.98 -3.10
C GLY C 141 -10.34 25.66 -4.31
N GLY C 142 -9.11 26.15 -4.32
CA GLY C 142 -8.15 25.93 -5.42
C GLY C 142 -7.43 24.58 -5.36
N SER C 143 -6.57 24.33 -6.34
CA SER C 143 -6.04 22.99 -6.55
C SER C 143 -4.61 22.98 -7.11
N ILE C 144 -3.72 22.26 -6.43
CA ILE C 144 -2.35 22.05 -6.90
C ILE C 144 -2.25 20.58 -7.36
N VAL C 145 -1.80 20.36 -8.60
CA VAL C 145 -1.64 18.99 -9.14
C VAL C 145 -0.22 18.75 -9.59
N GLY C 146 0.30 17.57 -9.25
CA GLY C 146 1.63 17.13 -9.66
C GLY C 146 1.59 15.79 -10.39
N MET C 147 2.61 15.53 -11.19
CA MET C 147 2.66 14.33 -12.02
C MET C 147 3.57 13.28 -11.41
N ASP C 148 3.09 12.02 -11.41
CA ASP C 148 3.74 10.93 -10.66
C ASP C 148 3.82 9.70 -11.58
N PHE C 149 4.82 8.86 -11.33
CA PHE C 149 4.84 7.53 -11.91
C PHE C 149 5.10 6.55 -10.77
N ASP C 150 4.12 5.67 -10.52
CA ASP C 150 4.04 4.80 -9.34
C ASP C 150 5.40 4.22 -8.98
N PRO C 151 6.02 4.70 -7.87
CA PRO C 151 7.31 4.23 -7.41
C PRO C 151 7.26 3.21 -6.26
N SER C 152 6.08 2.66 -5.98
CA SER C 152 5.93 1.78 -4.83
C SER C 152 6.71 0.48 -5.04
N ARG C 153 6.94 0.12 -6.31
CA ARG C 153 7.82 -1.04 -6.66
C ARG C 153 9.01 -0.59 -7.49
N ALA C 154 10.16 -1.20 -7.26
CA ALA C 154 11.36 -0.94 -8.06
C ALA C 154 11.19 -1.56 -9.45
N MET C 155 11.99 -1.12 -10.41
CA MET C 155 11.84 -1.56 -11.80
C MET C 155 13.08 -1.27 -12.64
N PRO C 156 13.24 -1.93 -13.81
CA PRO C 156 14.41 -1.64 -14.64
C PRO C 156 14.34 -0.20 -15.17
N ALA C 157 15.50 0.42 -15.35
CA ALA C 157 15.62 1.67 -16.11
C ALA C 157 15.23 2.95 -15.37
N TYR C 158 14.15 2.91 -14.58
CA TYR C 158 13.60 4.13 -13.99
C TYR C 158 14.50 4.57 -12.84
N ASN C 159 15.09 3.59 -12.17
CA ASN C 159 16.24 3.76 -11.28
C ASN C 159 16.08 4.87 -10.25
N TRP C 160 16.88 5.91 -10.35
CA TRP C 160 16.91 6.98 -9.36
C TRP C 160 15.78 7.99 -9.58
N MET C 161 15.20 8.03 -10.79
CA MET C 161 13.96 8.77 -10.97
C MET C 161 12.84 8.15 -10.13
N THR C 162 12.90 6.84 -9.91
CA THR C 162 11.94 6.17 -9.06
C THR C 162 12.04 6.70 -7.63
N VAL C 163 13.28 6.86 -7.14
CA VAL C 163 13.53 7.41 -5.82
C VAL C 163 12.98 8.84 -5.71
N ALA C 164 13.19 9.64 -6.76
CA ALA C 164 12.66 10.99 -6.82
C ALA C 164 11.15 11.05 -6.64
N LYS C 165 10.46 10.09 -7.28
CA LYS C 165 8.99 10.04 -7.25
C LYS C 165 8.45 9.58 -5.88
N SER C 166 9.20 8.74 -5.20
CA SER C 166 8.85 8.35 -3.85
C SER C 166 8.94 9.54 -2.92
N ALA C 167 9.94 10.40 -3.14
CA ALA C 167 10.08 11.62 -2.33
C ALA C 167 9.00 12.63 -2.68
N LEU C 168 8.66 12.72 -3.96
CA LEU C 168 7.58 13.56 -4.46
C LEU C 168 6.26 13.21 -3.80
N GLU C 169 5.95 11.93 -3.69
CA GLU C 169 4.71 11.48 -3.03
C GLU C 169 4.69 11.88 -1.56
N SER C 170 5.85 11.82 -0.92
CA SER C 170 5.98 12.20 0.49
C SER C 170 5.79 13.73 0.59
N VAL C 171 6.45 14.47 -0.29
CA VAL C 171 6.35 15.93 -0.31
C VAL C 171 4.90 16.40 -0.55
N ASN C 172 4.19 15.71 -1.41
CA ASN C 172 2.79 16.04 -1.68
C ASN C 172 1.94 15.99 -0.42
N ARG C 173 2.16 14.97 0.42
CA ARG C 173 1.44 14.85 1.71
C ARG C 173 1.70 16.05 2.65
N PHE C 174 2.94 16.56 2.67
CA PHE C 174 3.27 17.75 3.46
C PHE C 174 2.81 19.05 2.83
N VAL C 175 2.87 19.14 1.49
CA VAL C 175 2.29 20.29 0.78
C VAL C 175 0.80 20.43 1.07
N ALA C 176 0.09 19.31 1.17
CA ALA C 176 -1.36 19.31 1.49
C ALA C 176 -1.68 19.96 2.84
N ARG C 177 -0.82 19.73 3.83
CA ARG C 177 -0.97 20.33 5.16
C ARG C 177 -0.85 21.85 5.05
N GLU C 178 0.12 22.31 4.26
CA GLU C 178 0.33 23.73 4.02
C GLU C 178 -0.81 24.37 3.21
N ALA C 179 -1.05 23.83 2.01
CA ALA C 179 -2.19 24.19 1.17
C ALA C 179 -3.54 24.21 1.90
N GLY C 180 -3.71 23.30 2.86
CA GLY C 180 -4.96 23.20 3.61
C GLY C 180 -5.36 24.54 4.19
N LYS C 181 -4.37 25.25 4.74
CA LYS C 181 -4.57 26.57 5.40
C LYS C 181 -5.16 27.65 4.48
N TYR C 182 -5.04 27.43 3.17
CA TYR C 182 -5.57 28.34 2.14
C TYR C 182 -6.83 27.86 1.47
N GLY C 183 -7.45 26.80 2.00
CA GLY C 183 -8.54 26.10 1.30
C GLY C 183 -8.12 25.48 -0.03
N VAL C 184 -6.85 25.14 -0.16
CA VAL C 184 -6.30 24.60 -1.41
C VAL C 184 -5.94 23.11 -1.24
N ARG C 185 -6.26 22.31 -2.24
CA ARG C 185 -5.94 20.89 -2.23
C ARG C 185 -4.60 20.62 -2.95
N SER C 186 -3.95 19.51 -2.59
CA SER C 186 -2.70 19.09 -3.26
C SER C 186 -2.75 17.59 -3.55
N ASN C 187 -2.55 17.23 -4.81
CA ASN C 187 -2.66 15.83 -5.23
C ASN C 187 -1.76 15.57 -6.39
N LEU C 188 -1.44 14.29 -6.60
CA LEU C 188 -0.63 13.80 -7.69
C LEU C 188 -1.50 12.95 -8.61
N VAL C 189 -1.19 12.98 -9.91
CA VAL C 189 -1.75 12.06 -10.92
C VAL C 189 -0.63 11.11 -11.29
N ALA C 190 -0.80 9.83 -10.94
CA ALA C 190 0.15 8.83 -11.33
C ALA C 190 -0.31 8.31 -12.69
N ALA C 191 0.41 8.76 -13.71
CA ALA C 191 0.08 8.46 -15.10
C ALA C 191 0.76 7.16 -15.54
N GLY C 192 0.14 6.50 -16.51
CA GLY C 192 0.77 5.43 -17.28
C GLY C 192 1.77 6.04 -18.26
N PRO C 193 2.52 5.20 -18.96
CA PRO C 193 3.58 5.71 -19.85
C PRO C 193 3.06 6.44 -21.09
N ILE C 194 3.65 7.59 -21.38
CA ILE C 194 3.22 8.40 -22.53
C ILE C 194 4.47 8.77 -23.33
N ARG C 195 4.34 8.64 -24.65
CA ARG C 195 5.44 8.94 -25.58
C ARG C 195 5.74 10.43 -25.55
N THR C 196 6.79 10.75 -24.82
CA THR C 196 7.06 12.12 -24.44
C THR C 196 8.58 12.31 -24.63
N LEU C 197 9.04 13.55 -24.69
CA LEU C 197 10.47 13.84 -24.86
C LEU C 197 11.29 13.27 -23.70
N ALA C 198 10.76 13.38 -22.48
CA ALA C 198 11.44 12.86 -21.29
C ALA C 198 11.52 11.33 -21.27
N MET C 199 10.50 10.64 -21.80
CA MET C 199 10.53 9.18 -21.92
C MET C 199 11.73 8.68 -22.75
N SER C 200 12.11 9.44 -23.78
CA SER C 200 13.31 9.15 -24.56
C SER C 200 14.61 9.19 -23.74
N ALA C 201 14.57 9.90 -22.61
CA ALA C 201 15.71 9.92 -21.69
C ALA C 201 15.87 8.62 -20.91
N ILE C 202 14.79 7.85 -20.76
CA ILE C 202 14.84 6.59 -20.01
C ILE C 202 15.31 5.43 -20.86
N VAL C 203 14.63 5.24 -21.99
CA VAL C 203 14.72 4.03 -22.82
C VAL C 203 15.86 4.14 -23.85
N GLY C 204 16.36 2.98 -24.29
CA GLY C 204 17.39 2.91 -25.30
C GLY C 204 18.34 1.73 -25.21
N GLY C 205 18.61 1.25 -23.99
CA GLY C 205 19.60 0.19 -23.81
C GLY C 205 21.01 0.67 -24.08
N GLU C 209 20.06 2.70 -28.88
CA GLU C 209 20.06 1.47 -29.68
C GLU C 209 19.36 0.32 -28.93
N GLU C 210 18.02 0.35 -29.00
CA GLU C 210 17.11 -0.65 -28.40
C GLU C 210 15.80 0.05 -28.00
N ALA C 211 15.72 1.35 -28.29
CA ALA C 211 14.61 2.21 -27.86
C ALA C 211 13.25 1.85 -28.44
N GLY C 212 13.17 1.66 -29.76
CA GLY C 212 11.93 1.24 -30.42
C GLY C 212 11.31 -0.03 -29.84
N ALA C 213 12.15 -1.03 -29.59
CA ALA C 213 11.72 -2.34 -29.10
C ALA C 213 11.33 -2.34 -27.62
N GLN C 214 12.08 -1.58 -26.83
CA GLN C 214 11.80 -1.45 -25.41
C GLN C 214 10.46 -0.73 -25.21
N ILE C 215 10.13 0.15 -26.16
CA ILE C 215 8.87 0.87 -26.15
C ILE C 215 7.69 0.01 -26.64
N GLN C 216 7.94 -0.89 -27.61
CA GLN C 216 6.95 -1.86 -28.03
C GLN C 216 6.53 -2.70 -26.84
N LEU C 217 7.50 -3.30 -26.16
CA LEU C 217 7.22 -4.19 -25.03
C LEU C 217 6.63 -3.46 -23.82
N LEU C 218 6.92 -2.16 -23.70
CA LEU C 218 6.30 -1.33 -22.67
C LEU C 218 4.81 -1.17 -22.96
N GLU C 219 4.50 -0.65 -24.14
CA GLU C 219 3.13 -0.46 -24.58
C GLU C 219 2.32 -1.77 -24.50
N GLU C 220 2.89 -2.86 -25.01
CA GLU C 220 2.21 -4.15 -25.03
C GLU C 220 1.88 -4.64 -23.64
N GLY C 221 2.86 -4.57 -22.73
CA GLY C 221 2.70 -5.02 -21.36
C GLY C 221 1.71 -4.16 -20.59
N TRP C 222 1.79 -2.84 -20.77
CA TRP C 222 0.92 -1.93 -20.03
C TRP C 222 -0.54 -2.10 -20.45
N ASP C 223 -0.75 -2.06 -21.76
CA ASP C 223 -2.08 -2.17 -22.37
C ASP C 223 -2.73 -3.48 -21.97
N GLN C 224 -1.88 -4.50 -21.85
CA GLN C 224 -2.33 -5.86 -21.53
C GLN C 224 -2.81 -5.94 -20.07
N ARG C 225 -2.01 -5.35 -19.17
CA ARG C 225 -2.28 -5.38 -17.74
C ARG C 225 -3.41 -4.44 -17.32
N ALA C 226 -3.53 -3.31 -18.01
CA ALA C 226 -4.64 -2.36 -17.85
C ALA C 226 -5.97 -2.96 -18.27
N PRO C 227 -6.92 -3.18 -17.33
CA PRO C 227 -8.24 -3.74 -17.72
C PRO C 227 -8.96 -2.95 -18.84
N ILE C 228 -8.78 -1.64 -18.88
CA ILE C 228 -9.37 -0.83 -19.95
C ILE C 228 -8.37 -0.47 -21.05
N GLY C 229 -7.21 -1.10 -20.99
CA GLY C 229 -6.21 -0.94 -22.03
C GLY C 229 -5.45 0.35 -21.82
N TRP C 230 -4.48 0.62 -22.70
CA TRP C 230 -3.58 1.77 -22.54
C TRP C 230 -2.92 2.16 -23.86
N ASN C 231 -3.04 3.43 -24.22
CA ASN C 231 -2.42 3.94 -25.44
C ASN C 231 -1.39 5.02 -25.08
N MET C 232 -0.10 4.66 -25.19
CA MET C 232 1.04 5.56 -24.94
C MET C 232 1.10 6.80 -25.85
N LYS C 233 0.39 6.77 -26.97
CA LYS C 233 0.40 7.90 -27.93
C LYS C 233 -0.63 8.98 -27.56
N ASP C 234 -1.50 8.65 -26.61
CA ASP C 234 -2.65 9.49 -26.25
C ASP C 234 -2.48 10.06 -24.83
N ALA C 235 -2.13 11.34 -24.72
CA ALA C 235 -2.00 11.98 -23.38
C ALA C 235 -3.31 12.53 -22.84
N THR C 236 -4.33 12.61 -23.70
CA THR C 236 -5.59 13.21 -23.27
C THR C 236 -6.33 12.54 -22.08
N PRO C 237 -6.31 11.18 -21.94
CA PRO C 237 -6.94 10.66 -20.72
C PRO C 237 -6.25 11.10 -19.41
N VAL C 238 -4.94 11.34 -19.44
CA VAL C 238 -4.27 11.79 -18.22
C VAL C 238 -4.52 13.29 -17.97
N ALA C 239 -4.55 14.05 -19.06
CA ALA C 239 -4.90 15.46 -19.07
C ALA C 239 -6.28 15.71 -18.47
N LYS C 240 -7.27 14.91 -18.89
CA LYS C 240 -8.62 15.01 -18.34
C LYS C 240 -8.63 14.73 -16.83
N THR C 241 -7.77 13.83 -16.38
CA THR C 241 -7.67 13.48 -14.99
C THR C 241 -7.12 14.67 -14.20
N VAL C 242 -6.10 15.34 -14.73
CA VAL C 242 -5.55 16.53 -14.08
C VAL C 242 -6.67 17.59 -13.98
N CYS C 243 -7.33 17.87 -15.09
CA CYS C 243 -8.47 18.81 -15.12
C CYS C 243 -9.55 18.46 -14.10
N ALA C 244 -9.87 17.17 -13.98
CA ALA C 244 -10.82 16.71 -12.97
C ALA C 244 -10.36 17.11 -11.56
N LEU C 245 -9.05 17.01 -11.32
CA LEU C 245 -8.49 17.38 -10.02
C LEU C 245 -8.49 18.91 -9.78
N LEU C 246 -8.31 19.67 -10.86
CA LEU C 246 -8.45 21.14 -10.87
C LEU C 246 -9.90 21.64 -10.75
N SER C 247 -10.87 20.79 -11.09
CA SER C 247 -12.28 21.19 -11.05
C SER C 247 -12.78 21.16 -9.61
N ASP C 248 -14.09 21.33 -9.45
CA ASP C 248 -14.77 21.34 -8.15
C ASP C 248 -15.34 19.97 -7.80
N TRP C 249 -15.06 18.98 -8.64
CA TRP C 249 -15.72 17.68 -8.55
C TRP C 249 -14.96 16.63 -7.74
N LEU C 250 -13.71 16.93 -7.38
CA LEU C 250 -13.01 16.17 -6.35
C LEU C 250 -12.68 17.03 -5.09
N PRO C 251 -13.70 17.51 -4.37
CA PRO C 251 -13.48 18.58 -3.39
C PRO C 251 -12.97 18.11 -2.03
N ALA C 252 -12.96 16.79 -1.81
CA ALA C 252 -12.62 16.23 -0.50
C ALA C 252 -11.37 15.33 -0.56
N THR C 253 -10.55 15.48 -1.60
CA THR C 253 -9.33 14.70 -1.69
C THR C 253 -8.09 15.61 -1.74
N THR C 254 -7.21 15.43 -0.77
CA THR C 254 -5.89 16.08 -0.73
C THR C 254 -4.84 15.13 -0.21
N GLY C 255 -3.57 15.52 -0.43
CA GLY C 255 -2.38 14.76 -0.07
C GLY C 255 -2.38 13.38 -0.68
N ASP C 256 -3.11 13.25 -1.78
CA ASP C 256 -3.47 11.95 -2.32
C ASP C 256 -2.95 11.77 -3.75
N ILE C 257 -3.22 10.60 -4.33
CA ILE C 257 -2.75 10.18 -5.67
C ILE C 257 -3.88 9.47 -6.42
N ILE C 258 -4.12 9.96 -7.64
CA ILE C 258 -5.12 9.40 -8.55
C ILE C 258 -4.31 8.77 -9.64
N TYR C 259 -4.64 7.53 -9.93
CA TYR C 259 -3.92 6.76 -10.90
C TYR C 259 -4.69 6.83 -12.21
N ALA C 260 -4.09 7.50 -13.20
CA ALA C 260 -4.57 7.52 -14.59
C ALA C 260 -3.67 6.59 -15.40
N ASP C 261 -3.80 5.29 -15.19
CA ASP C 261 -2.88 4.34 -15.83
C ASP C 261 -3.58 3.16 -16.48
N GLY C 262 -4.86 3.36 -16.81
CA GLY C 262 -5.72 2.28 -17.32
C GLY C 262 -6.01 1.21 -16.29
N GLY C 263 -5.77 1.49 -15.01
CA GLY C 263 -5.87 0.48 -13.93
C GLY C 263 -4.76 -0.57 -13.80
N ALA C 264 -3.67 -0.42 -14.56
CA ALA C 264 -2.55 -1.38 -14.56
C ALA C 264 -1.97 -1.68 -13.16
N HIS C 265 -1.95 -0.67 -12.29
CA HIS C 265 -1.32 -0.82 -10.97
C HIS C 265 -2.17 -1.62 -9.99
N THR C 266 -3.43 -1.87 -10.33
CA THR C 266 -4.34 -2.70 -9.53
C THR C 266 -4.26 -4.19 -9.92
N GLN C 267 -3.44 -4.48 -10.91
CA GLN C 267 -3.38 -5.83 -11.49
C GLN C 267 -1.95 -6.36 -11.44
N LEU C 268 -1.82 -7.64 -11.11
CA LEU C 268 -0.49 -8.27 -11.04
C LEU C 268 -0.01 -8.64 -12.43
N LEU C 269 -0.83 -9.39 -13.16
CA LEU C 269 -0.73 -9.46 -14.62
C LEU C 269 -2.11 -9.46 -15.29
N THR D 2 23.67 -22.43 21.44
CA THR D 2 22.55 -21.53 20.98
C THR D 2 23.01 -20.60 19.85
N GLY D 3 22.78 -19.29 20.02
CA GLY D 3 23.36 -18.24 19.17
C GLY D 3 22.72 -18.06 17.80
N LEU D 4 21.72 -17.18 17.72
CA LEU D 4 21.07 -16.84 16.45
C LEU D 4 22.07 -16.39 15.37
N LEU D 5 23.13 -15.71 15.78
CA LEU D 5 24.13 -15.17 14.84
C LEU D 5 25.53 -15.81 14.99
N ASP D 6 25.58 -17.00 15.60
CA ASP D 6 26.83 -17.79 15.67
C ASP D 6 27.60 -17.77 14.37
N GLY D 7 28.86 -17.35 14.42
CA GLY D 7 29.76 -17.42 13.27
C GLY D 7 29.73 -16.22 12.33
N LYS D 8 28.72 -15.37 12.48
CA LYS D 8 28.51 -14.28 11.53
C LYS D 8 29.41 -13.10 11.79
N ARG D 9 29.91 -12.53 10.72
CA ARG D 9 30.70 -11.33 10.77
C ARG D 9 29.84 -10.18 10.27
N ILE D 10 29.61 -9.22 11.16
CA ILE D 10 28.61 -8.17 10.95
C ILE D 10 29.16 -6.77 11.19
N LEU D 11 28.96 -5.90 10.20
CA LEU D 11 29.31 -4.49 10.33
C LEU D 11 28.08 -3.75 10.87
N VAL D 12 28.28 -3.02 11.96
CA VAL D 12 27.21 -2.21 12.54
C VAL D 12 27.66 -0.76 12.55
N SER D 13 26.90 0.11 11.87
CA SER D 13 27.16 1.56 11.83
C SER D 13 26.20 2.28 12.77
N GLY D 14 26.51 3.54 13.07
CA GLY D 14 25.55 4.44 13.74
C GLY D 14 25.54 4.53 15.26
N ILE D 15 26.47 3.86 15.95
CA ILE D 15 26.64 4.10 17.39
C ILE D 15 27.18 5.52 17.65
N ILE D 16 26.46 6.30 18.44
CA ILE D 16 26.93 7.60 18.89
C ILE D 16 26.84 7.66 20.43
N THR D 17 25.78 7.09 21.00
CA THR D 17 25.59 7.00 22.45
C THR D 17 25.22 5.56 22.81
N ASP D 18 25.17 5.25 24.11
CA ASP D 18 24.66 3.94 24.55
C ASP D 18 23.13 3.82 24.47
N SER D 19 22.47 4.91 24.10
CA SER D 19 21.05 4.83 23.78
C SER D 19 20.73 4.68 22.27
N SER D 20 21.73 4.93 21.41
CA SER D 20 21.62 4.64 19.97
C SER D 20 20.99 3.27 19.72
N ILE D 21 20.07 3.21 18.75
CA ILE D 21 19.50 1.92 18.35
C ILE D 21 20.62 0.95 17.95
N ALA D 22 21.62 1.46 17.23
CA ALA D 22 22.81 0.69 16.85
C ALA D 22 23.53 0.07 18.04
N PHE D 23 23.60 0.80 19.16
CA PHE D 23 24.26 0.24 20.33
C PHE D 23 23.56 -1.02 20.76
N HIS D 24 22.23 -0.98 20.83
CA HIS D 24 21.45 -2.14 21.24
C HIS D 24 21.44 -3.26 20.22
N ILE D 25 21.41 -2.91 18.94
CA ILE D 25 21.60 -3.89 17.85
C ILE D 25 22.93 -4.66 18.05
N ALA D 26 24.02 -3.91 18.22
CA ALA D 26 25.36 -4.47 18.40
C ALA D 26 25.43 -5.33 19.65
N ARG D 27 24.83 -4.86 20.76
CA ARG D 27 24.78 -5.67 21.99
C ARG D 27 24.07 -7.00 21.78
N VAL D 28 22.86 -6.95 21.23
CA VAL D 28 22.07 -8.16 21.06
C VAL D 28 22.79 -9.09 20.09
N ALA D 29 23.36 -8.53 19.02
CA ALA D 29 24.10 -9.33 18.05
C ALA D 29 25.26 -10.05 18.73
N GLN D 30 26.10 -9.31 19.45
CA GLN D 30 27.17 -9.92 20.25
C GLN D 30 26.64 -10.99 21.23
N GLU D 31 25.49 -10.73 21.86
CA GLU D 31 24.89 -11.72 22.79
C GLU D 31 24.47 -12.97 22.06
N GLN D 32 24.25 -12.82 20.76
CA GLN D 32 23.83 -13.93 19.91
C GLN D 32 24.99 -14.47 19.07
N GLY D 33 26.22 -14.31 19.57
CA GLY D 33 27.38 -14.97 18.98
C GLY D 33 27.98 -14.35 17.74
N ALA D 34 27.49 -13.17 17.36
CA ALA D 34 28.03 -12.47 16.19
C ALA D 34 29.37 -11.83 16.52
N GLN D 35 30.23 -11.78 15.52
CA GLN D 35 31.50 -11.12 15.61
C GLN D 35 31.35 -9.82 14.83
N LEU D 36 31.56 -8.70 15.50
CA LEU D 36 31.25 -7.40 14.95
C LEU D 36 32.42 -6.57 14.48
N VAL D 37 32.11 -5.63 13.57
CA VAL D 37 32.97 -4.51 13.21
C VAL D 37 32.09 -3.28 13.29
N LEU D 38 32.62 -2.18 13.82
CA LEU D 38 31.83 -0.97 14.03
C LEU D 38 32.36 0.17 13.21
N THR D 39 31.46 1.07 12.78
CA THR D 39 31.90 2.33 12.20
C THR D 39 31.26 3.46 12.98
N GLY D 40 31.94 4.61 13.02
CA GLY D 40 31.44 5.77 13.74
C GLY D 40 31.77 7.01 12.95
N PHE D 41 31.00 8.07 13.15
CA PHE D 41 31.17 9.30 12.38
C PHE D 41 32.00 10.41 13.05
N ASP D 42 31.46 11.05 14.08
CA ASP D 42 32.01 12.38 14.40
C ASP D 42 33.19 12.33 15.38
N ARG D 43 32.93 11.75 16.54
CA ARG D 43 33.83 11.79 17.67
C ARG D 43 34.18 10.36 18.03
N LEU D 44 35.10 9.77 17.27
CA LEU D 44 35.49 8.37 17.41
C LEU D 44 36.03 7.98 18.78
N ARG D 45 36.72 8.92 19.42
CA ARG D 45 37.31 8.70 20.74
C ARG D 45 36.22 8.46 21.78
N LEU D 46 35.22 9.34 21.77
CA LEU D 46 34.01 9.21 22.59
C LEU D 46 33.25 7.91 22.26
N ILE D 47 33.12 7.60 20.97
CA ILE D 47 32.45 6.36 20.54
C ILE D 47 33.22 5.12 21.02
N GLN D 48 34.55 5.17 20.97
CA GLN D 48 35.36 4.07 21.50
C GLN D 48 35.03 3.80 22.98
N ARG D 49 34.98 4.85 23.80
CA ARG D 49 34.57 4.69 25.20
C ARG D 49 33.16 4.10 25.32
N ILE D 50 32.26 4.50 24.42
CA ILE D 50 30.89 4.00 24.42
C ILE D 50 30.90 2.53 24.03
N THR D 51 31.61 2.21 22.95
CA THR D 51 31.66 0.84 22.44
C THR D 51 32.48 -0.11 23.33
N ASP D 52 33.29 0.45 24.22
CA ASP D 52 33.95 -0.34 25.27
C ASP D 52 32.95 -0.99 26.21
N ARG D 53 31.70 -0.54 26.21
CA ARG D 53 30.66 -1.06 27.10
C ARG D 53 29.85 -2.23 26.51
N LEU D 54 30.09 -2.57 25.25
CA LEU D 54 29.51 -3.79 24.65
C LEU D 54 30.04 -5.04 25.35
N PRO D 55 29.27 -6.15 25.33
CA PRO D 55 29.68 -7.43 25.91
C PRO D 55 31.04 -7.96 25.44
N ALA D 56 31.49 -7.55 24.25
CA ALA D 56 32.76 -8.02 23.72
C ALA D 56 33.45 -6.97 22.87
N LYS D 57 34.73 -7.19 22.61
CA LYS D 57 35.57 -6.32 21.79
C LYS D 57 35.14 -6.35 20.32
N ALA D 58 35.38 -5.25 19.62
CA ALA D 58 35.04 -5.12 18.21
C ALA D 58 35.85 -3.97 17.63
N PRO D 59 36.53 -4.21 16.48
CA PRO D 59 37.23 -3.13 15.79
C PRO D 59 36.29 -1.96 15.53
N LEU D 60 36.79 -0.74 15.60
CA LEU D 60 36.01 0.45 15.28
C LEU D 60 36.73 1.24 14.20
N LEU D 61 36.01 1.56 13.11
CA LEU D 61 36.59 2.22 11.94
C LEU D 61 35.86 3.53 11.67
N GLU D 62 36.54 4.51 11.09
CA GLU D 62 35.90 5.77 10.75
C GLU D 62 35.11 5.66 9.45
N LEU D 63 33.89 6.18 9.45
CA LEU D 63 33.11 6.29 8.22
C LEU D 63 32.18 7.47 8.28
N ASP D 64 32.56 8.53 7.56
CA ASP D 64 31.69 9.65 7.21
C ASP D 64 31.11 9.26 5.85
N VAL D 65 29.83 8.93 5.89
CA VAL D 65 29.10 8.42 4.75
C VAL D 65 29.02 9.45 3.59
N GLN D 66 29.33 10.72 3.89
CA GLN D 66 29.44 11.77 2.88
C GLN D 66 30.86 11.93 2.32
N ASN D 67 31.79 11.07 2.75
CA ASN D 67 33.18 11.11 2.29
C ASN D 67 33.50 10.01 1.27
N GLU D 68 33.78 10.44 0.04
CA GLU D 68 34.21 9.55 -1.06
C GLU D 68 35.35 8.60 -0.65
N GLU D 69 36.39 9.18 -0.04
CA GLU D 69 37.61 8.46 0.36
C GLU D 69 37.30 7.38 1.40
N HIS D 70 36.52 7.73 2.41
CA HIS D 70 36.08 6.78 3.45
C HIS D 70 35.36 5.58 2.83
N LEU D 71 34.43 5.87 1.92
CA LEU D 71 33.67 4.85 1.23
C LEU D 71 34.59 4.01 0.35
N ALA D 72 35.49 4.68 -0.38
CA ALA D 72 36.41 4.02 -1.30
C ALA D 72 37.34 3.06 -0.57
N SER D 73 37.79 3.49 0.61
CA SER D 73 38.73 2.72 1.43
C SER D 73 38.06 1.65 2.29
N LEU D 74 36.74 1.76 2.49
CA LEU D 74 36.00 1.01 3.53
C LEU D 74 36.18 -0.50 3.50
N ALA D 75 35.96 -1.11 2.32
CA ALA D 75 36.02 -2.57 2.20
C ALA D 75 37.40 -3.12 2.59
N GLY D 76 38.45 -2.39 2.23
CA GLY D 76 39.83 -2.80 2.53
C GLY D 76 40.09 -2.75 4.02
N ARG D 77 39.69 -1.65 4.64
CA ARG D 77 39.80 -1.45 6.07
C ARG D 77 39.03 -2.49 6.86
N VAL D 78 37.90 -2.95 6.30
CA VAL D 78 37.08 -3.98 6.94
C VAL D 78 37.72 -5.36 6.85
N THR D 79 38.32 -5.68 5.69
CA THR D 79 39.00 -6.96 5.51
C THR D 79 40.22 -7.08 6.45
N GLU D 80 40.93 -5.97 6.64
CA GLU D 80 41.99 -5.88 7.65
C GLU D 80 41.51 -6.31 9.04
N ALA D 81 40.34 -5.83 9.42
CA ALA D 81 39.81 -6.00 10.77
C ALA D 81 39.25 -7.41 11.03
N ILE D 82 38.65 -8.03 10.00
CA ILE D 82 38.10 -9.39 10.14
C ILE D 82 39.07 -10.53 9.74
N GLY D 83 40.06 -10.17 8.92
CA GLY D 83 41.09 -11.12 8.49
C GLY D 83 40.91 -11.52 7.04
N ALA D 84 41.96 -11.36 6.24
CA ALA D 84 41.93 -11.70 4.81
C ALA D 84 41.39 -13.11 4.57
N GLY D 85 40.68 -13.30 3.46
CA GLY D 85 39.94 -14.54 3.23
C GLY D 85 38.66 -14.66 4.05
N ASN D 86 38.30 -13.61 4.77
CA ASN D 86 37.03 -13.53 5.51
C ASN D 86 36.13 -12.43 4.97
N LYS D 87 34.84 -12.70 4.96
CA LYS D 87 33.87 -11.73 4.47
C LYS D 87 32.75 -11.44 5.46
N LEU D 88 32.08 -10.31 5.27
CA LEU D 88 30.89 -9.94 6.03
C LEU D 88 29.69 -10.82 5.68
N ASP D 89 28.97 -11.23 6.73
CA ASP D 89 27.67 -11.91 6.60
C ASP D 89 26.51 -10.94 6.80
N GLY D 90 26.82 -9.76 7.33
CA GLY D 90 25.80 -8.85 7.81
C GLY D 90 26.26 -7.41 7.84
N VAL D 91 25.38 -6.52 7.42
CA VAL D 91 25.68 -5.08 7.41
C VAL D 91 24.45 -4.35 7.95
N VAL D 92 24.69 -3.47 8.92
CA VAL D 92 23.63 -2.65 9.50
C VAL D 92 23.87 -1.18 9.28
N HIS D 93 22.92 -0.57 8.58
CA HIS D 93 22.88 0.87 8.38
C HIS D 93 21.93 1.43 9.44
N SER D 94 22.49 2.18 10.38
CA SER D 94 21.70 2.86 11.40
C SER D 94 22.12 4.31 11.48
N ILE D 95 22.07 4.99 10.35
CA ILE D 95 22.48 6.38 10.29
C ILE D 95 21.35 7.27 9.74
N GLY D 96 21.16 8.42 10.39
CA GLY D 96 20.21 9.41 9.89
C GLY D 96 20.58 10.81 10.33
N PHE D 97 20.30 11.78 9.48
CA PHE D 97 20.48 13.18 9.79
C PHE D 97 19.58 14.04 8.95
N MET D 98 19.10 15.14 9.54
CA MET D 98 18.42 16.20 8.81
C MET D 98 18.66 17.51 9.57
N PRO D 99 19.19 18.55 8.88
CA PRO D 99 19.33 19.86 9.50
C PRO D 99 18.06 20.31 10.22
N GLN D 100 18.26 21.12 11.25
CA GLN D 100 17.20 21.59 12.14
C GLN D 100 16.08 22.26 11.36
N THR D 101 16.46 22.90 10.26
CA THR D 101 15.54 23.63 9.42
C THR D 101 14.49 22.76 8.70
N GLY D 102 14.78 21.47 8.51
CA GLY D 102 13.81 20.57 7.90
C GLY D 102 13.11 19.68 8.91
N MET D 103 13.08 20.13 10.16
CA MET D 103 12.75 19.24 11.27
C MET D 103 11.42 19.51 11.99
N GLY D 104 11.43 20.27 13.07
CA GLY D 104 10.30 20.25 14.00
C GLY D 104 9.27 21.34 13.79
N ILE D 105 9.55 22.49 14.38
CA ILE D 105 8.66 23.67 14.35
C ILE D 105 8.92 24.57 13.14
N ASN D 106 10.14 24.53 12.58
CA ASN D 106 10.49 25.32 11.39
C ASN D 106 9.52 25.02 10.24
N PRO D 107 8.98 26.06 9.58
CA PRO D 107 8.02 25.80 8.52
C PRO D 107 8.58 24.89 7.44
N PHE D 108 7.77 23.93 7.03
CA PHE D 108 8.15 22.95 6.01
C PHE D 108 8.72 23.65 4.78
N PHE D 109 8.09 24.76 4.41
CA PHE D 109 8.44 25.52 3.21
C PHE D 109 9.76 26.32 3.33
N ASP D 110 10.27 26.49 4.56
CA ASP D 110 11.47 27.31 4.80
C ASP D 110 12.79 26.52 4.88
N ALA D 111 12.73 25.21 4.62
CA ALA D 111 13.93 24.37 4.59
C ALA D 111 14.61 24.50 3.22
N PRO D 112 15.85 25.05 3.18
CA PRO D 112 16.51 25.24 1.89
C PRO D 112 16.98 23.90 1.33
N TYR D 113 16.97 23.78 0.01
CA TYR D 113 17.33 22.49 -0.59
C TYR D 113 18.71 21.98 -0.18
N ALA D 114 19.66 22.89 0.01
CA ALA D 114 20.99 22.50 0.44
C ALA D 114 20.89 21.73 1.74
N ASP D 115 20.01 22.19 2.63
CA ASP D 115 19.75 21.50 3.90
C ASP D 115 19.03 20.15 3.68
N VAL D 116 18.03 20.15 2.81
CA VAL D 116 17.26 18.94 2.50
C VAL D 116 18.17 17.91 1.86
N SER D 117 18.95 18.36 0.88
CA SER D 117 19.88 17.51 0.15
C SER D 117 20.88 16.81 1.06
N LYS D 118 21.41 17.54 2.04
CA LYS D 118 22.31 16.92 3.01
C LYS D 118 21.61 15.84 3.84
N GLY D 119 20.37 16.10 4.23
CA GLY D 119 19.56 15.10 4.92
C GLY D 119 19.30 13.87 4.09
N ILE D 120 18.96 14.06 2.82
CA ILE D 120 18.72 12.92 1.93
C ILE D 120 20.01 12.12 1.62
N HIS D 121 21.12 12.82 1.44
CA HIS D 121 22.45 12.22 1.28
C HIS D 121 22.73 11.18 2.38
N ILE D 122 22.66 11.65 3.62
CA ILE D 122 23.04 10.90 4.80
C ILE D 122 22.02 9.82 5.19
N SER D 123 20.74 10.14 5.07
CA SER D 123 19.68 9.23 5.55
C SER D 123 19.16 8.24 4.48
N ALA D 124 19.28 8.61 3.21
CA ALA D 124 18.76 7.81 2.08
C ALA D 124 19.86 7.32 1.13
N TYR D 125 20.52 8.25 0.43
CA TYR D 125 21.56 7.89 -0.56
C TYR D 125 22.65 6.97 0.01
N SER D 126 23.11 7.30 1.22
CA SER D 126 24.18 6.59 1.89
C SER D 126 23.91 5.10 2.05
N TYR D 127 22.63 4.73 2.09
CA TYR D 127 22.23 3.31 2.12
C TYR D 127 22.71 2.56 0.87
N ALA D 128 22.59 3.22 -0.27
CA ALA D 128 23.12 2.67 -1.53
C ALA D 128 24.66 2.72 -1.56
N SER D 129 25.25 3.80 -1.07
CA SER D 129 26.72 3.88 -1.10
C SER D 129 27.39 2.88 -0.16
N MET D 130 26.80 2.63 1.01
CA MET D 130 27.28 1.59 1.91
C MET D 130 27.18 0.22 1.23
N ALA D 131 26.05 -0.03 0.57
CA ALA D 131 25.87 -1.28 -0.17
C ALA D 131 26.91 -1.41 -1.29
N LYS D 132 27.10 -0.35 -2.08
CA LYS D 132 28.15 -0.31 -3.13
C LYS D 132 29.51 -0.80 -2.59
N ALA D 133 29.92 -0.27 -1.44
CA ALA D 133 31.19 -0.59 -0.78
C ALA D 133 31.28 -2.00 -0.21
N LEU D 134 30.19 -2.47 0.37
CA LEU D 134 30.24 -3.70 1.17
C LEU D 134 29.86 -4.97 0.44
N LEU D 135 28.97 -4.87 -0.55
CA LEU D 135 28.59 -6.04 -1.33
C LEU D 135 29.79 -6.86 -1.86
N PRO D 136 30.84 -6.18 -2.40
CA PRO D 136 32.05 -6.94 -2.80
C PRO D 136 32.69 -7.81 -1.70
N ILE D 137 32.53 -7.42 -0.44
CA ILE D 137 33.07 -8.23 0.63
C ILE D 137 31.99 -8.90 1.50
N MET D 138 30.91 -9.34 0.85
CA MET D 138 29.82 -10.03 1.53
C MET D 138 29.60 -11.43 1.00
N ASN D 139 29.33 -12.35 1.93
CA ASN D 139 29.03 -13.76 1.64
C ASN D 139 27.61 -13.99 1.13
N PRO D 140 27.43 -15.03 0.27
CA PRO D 140 26.09 -15.48 -0.10
C PRO D 140 25.32 -15.80 1.15
N GLY D 141 24.01 -15.57 1.13
CA GLY D 141 23.19 -15.72 2.32
C GLY D 141 23.25 -14.54 3.27
N GLY D 142 24.04 -13.52 2.95
CA GLY D 142 24.14 -12.32 3.78
C GLY D 142 22.89 -11.43 3.88
N SER D 143 23.02 -10.33 4.64
CA SER D 143 21.88 -9.49 5.00
C SER D 143 22.32 -8.05 5.26
N ILE D 144 21.71 -7.14 4.52
CA ILE D 144 21.83 -5.70 4.75
C ILE D 144 20.53 -5.22 5.40
N VAL D 145 20.67 -4.47 6.50
CA VAL D 145 19.50 -3.98 7.23
C VAL D 145 19.64 -2.49 7.50
N GLY D 146 18.63 -1.71 7.09
CA GLY D 146 18.54 -0.28 7.41
C GLY D 146 17.41 0.12 8.35
N MET D 147 17.53 1.32 8.93
CA MET D 147 16.52 1.81 9.86
C MET D 147 15.60 2.86 9.21
N ASP D 148 14.31 2.65 9.40
CA ASP D 148 13.23 3.38 8.75
C ASP D 148 12.25 3.86 9.85
N PHE D 149 11.53 4.94 9.58
CA PHE D 149 10.37 5.32 10.38
C PHE D 149 9.27 5.56 9.36
N ASP D 150 8.12 4.90 9.56
CA ASP D 150 7.03 4.82 8.56
C ASP D 150 6.60 6.18 7.99
N PRO D 151 7.00 6.49 6.74
CA PRO D 151 6.69 7.76 6.08
C PRO D 151 5.46 7.70 5.13
N SER D 152 4.63 6.66 5.25
CA SER D 152 3.50 6.49 4.30
C SER D 152 2.44 7.58 4.42
N ARG D 153 2.43 8.28 5.56
CA ARG D 153 1.51 9.38 5.82
C ARG D 153 2.33 10.50 6.42
N ALA D 154 1.92 11.74 6.19
CA ALA D 154 2.62 12.88 6.78
C ALA D 154 2.23 13.04 8.27
N MET D 155 3.06 13.76 9.02
CA MET D 155 2.83 13.96 10.45
C MET D 155 3.50 15.28 10.88
N PRO D 156 3.17 15.80 12.08
CA PRO D 156 3.87 16.98 12.58
C PRO D 156 5.35 16.69 12.86
N ALA D 157 6.18 17.72 12.78
CA ALA D 157 7.59 17.70 13.27
C ALA D 157 8.57 16.84 12.48
N TYR D 158 8.17 15.66 12.01
CA TYR D 158 9.11 14.84 11.27
C TYR D 158 9.50 15.50 9.94
N ASN D 159 8.53 16.16 9.29
CA ASN D 159 8.77 17.02 8.13
C ASN D 159 9.65 16.41 7.02
N TRP D 160 10.79 17.03 6.73
CA TRP D 160 11.66 16.59 5.64
C TRP D 160 12.39 15.26 5.92
N MET D 161 12.50 14.86 7.18
CA MET D 161 13.00 13.48 7.47
C MET D 161 12.03 12.40 7.00
N THR D 162 10.74 12.73 7.01
CA THR D 162 9.71 11.85 6.45
C THR D 162 9.99 11.64 4.95
N VAL D 163 10.26 12.72 4.23
CA VAL D 163 10.61 12.63 2.82
C VAL D 163 11.88 11.76 2.60
N ALA D 164 12.86 11.92 3.48
CA ALA D 164 14.13 11.19 3.37
C ALA D 164 13.89 9.70 3.55
N LYS D 165 13.01 9.35 4.50
CA LYS D 165 12.63 7.97 4.74
C LYS D 165 11.82 7.36 3.57
N SER D 166 10.93 8.14 2.97
CA SER D 166 10.25 7.76 1.73
C SER D 166 11.28 7.50 0.62
N ALA D 167 12.27 8.40 0.49
CA ALA D 167 13.35 8.15 -0.46
C ALA D 167 14.14 6.89 -0.10
N LEU D 168 14.44 6.70 1.20
CA LEU D 168 15.22 5.56 1.68
C LEU D 168 14.56 4.24 1.33
N GLU D 169 13.24 4.18 1.52
CA GLU D 169 12.46 3.00 1.18
C GLU D 169 12.58 2.65 -0.30
N SER D 170 12.57 3.67 -1.15
CA SER D 170 12.74 3.45 -2.59
C SER D 170 14.13 2.88 -2.88
N VAL D 171 15.15 3.49 -2.28
CA VAL D 171 16.55 3.07 -2.44
C VAL D 171 16.71 1.60 -2.09
N ASN D 172 16.11 1.18 -0.98
CA ASN D 172 16.17 -0.21 -0.48
C ASN D 172 15.71 -1.28 -1.49
N ARG D 173 14.60 -0.99 -2.18
CA ARG D 173 14.05 -1.84 -3.24
C ARG D 173 15.07 -2.01 -4.38
N PHE D 174 15.76 -0.92 -4.68
CA PHE D 174 16.82 -0.93 -5.70
C PHE D 174 18.13 -1.58 -5.24
N VAL D 175 18.51 -1.37 -3.97
CA VAL D 175 19.67 -2.08 -3.41
C VAL D 175 19.45 -3.59 -3.45
N ALA D 176 18.22 -4.01 -3.15
CA ALA D 176 17.86 -5.41 -3.13
C ALA D 176 18.16 -6.07 -4.50
N ARG D 177 17.96 -5.32 -5.59
CA ARG D 177 18.21 -5.79 -6.96
C ARG D 177 19.70 -6.07 -7.17
N GLU D 178 20.54 -5.17 -6.67
CA GLU D 178 21.98 -5.34 -6.71
C GLU D 178 22.44 -6.46 -5.77
N ALA D 179 21.92 -6.46 -4.55
CA ALA D 179 22.31 -7.44 -3.50
C ALA D 179 21.99 -8.86 -3.88
N GLY D 180 20.90 -9.05 -4.62
CA GLY D 180 20.49 -10.39 -5.03
C GLY D 180 21.52 -11.07 -5.90
N LYS D 181 22.29 -10.27 -6.64
CA LYS D 181 23.37 -10.79 -7.47
C LYS D 181 24.44 -11.47 -6.61
N TYR D 182 24.41 -11.20 -5.29
CA TYR D 182 25.40 -11.77 -4.35
C TYR D 182 24.76 -12.81 -3.44
N GLY D 183 23.46 -13.03 -3.63
CA GLY D 183 22.70 -13.89 -2.74
C GLY D 183 22.54 -13.24 -1.37
N VAL D 184 22.56 -11.90 -1.37
CA VAL D 184 22.43 -11.10 -0.18
C VAL D 184 21.05 -10.42 -0.17
N ARG D 185 20.42 -10.35 0.99
CA ARG D 185 19.14 -9.63 1.15
C ARG D 185 19.36 -8.18 1.60
N SER D 186 18.36 -7.35 1.34
CA SER D 186 18.37 -5.96 1.77
C SER D 186 16.97 -5.59 2.26
N ASN D 187 16.88 -5.21 3.52
CA ASN D 187 15.59 -4.89 4.14
C ASN D 187 15.69 -3.73 5.09
N LEU D 188 14.54 -3.13 5.36
CA LEU D 188 14.44 -2.10 6.39
C LEU D 188 13.62 -2.59 7.56
N VAL D 189 14.00 -2.16 8.77
CA VAL D 189 13.16 -2.30 9.97
C VAL D 189 12.59 -0.93 10.32
N ALA D 190 11.27 -0.81 10.22
CA ALA D 190 10.53 0.41 10.53
C ALA D 190 10.13 0.33 12.01
N ALA D 191 10.84 1.10 12.84
CA ALA D 191 10.67 1.10 14.29
C ALA D 191 9.68 2.14 14.75
N GLY D 192 8.97 1.86 15.85
CA GLY D 192 8.26 2.88 16.63
C GLY D 192 9.27 3.87 17.22
N PRO D 193 8.78 4.96 17.86
CA PRO D 193 9.67 6.00 18.39
C PRO D 193 10.46 5.49 19.60
N ILE D 194 11.77 5.63 19.55
CA ILE D 194 12.65 5.16 20.62
C ILE D 194 13.39 6.35 21.21
N ARG D 195 13.45 6.40 22.53
CA ARG D 195 14.11 7.49 23.27
C ARG D 195 15.61 7.46 23.05
N THR D 196 16.03 8.23 22.07
CA THR D 196 17.37 8.23 21.57
C THR D 196 17.82 9.68 21.68
N LEU D 197 19.11 9.96 21.56
CA LEU D 197 19.53 11.36 21.63
C LEU D 197 19.32 12.14 20.31
N ALA D 198 19.10 11.43 19.20
CA ALA D 198 18.72 12.09 17.95
C ALA D 198 17.30 12.65 18.03
N MET D 199 16.40 11.84 18.59
CA MET D 199 14.96 12.11 18.65
C MET D 199 14.60 13.53 19.14
N GLY D 208 10.93 24.93 22.12
CA GLY D 208 10.41 23.56 22.13
C GLY D 208 9.23 23.34 23.08
N GLU D 209 8.20 24.17 22.96
CA GLU D 209 6.99 24.07 23.77
C GLU D 209 5.82 23.60 22.89
N GLU D 210 5.51 24.40 21.86
CA GLU D 210 4.39 24.14 20.96
C GLU D 210 4.70 23.00 19.99
N ALA D 211 5.99 22.69 19.86
CA ALA D 211 6.50 21.57 19.06
C ALA D 211 6.68 20.31 19.91
N GLY D 212 7.00 20.49 21.19
CA GLY D 212 7.07 19.39 22.15
C GLY D 212 5.70 18.81 22.44
N ALA D 213 4.67 19.64 22.25
CA ALA D 213 3.27 19.21 22.35
C ALA D 213 2.88 18.22 21.24
N GLN D 214 3.35 18.51 20.01
CA GLN D 214 3.18 17.62 18.84
C GLN D 214 3.85 16.26 19.03
N ILE D 215 5.07 16.29 19.55
CA ILE D 215 5.91 15.09 19.72
C ILE D 215 5.30 14.11 20.71
N GLN D 216 4.77 14.64 21.82
CA GLN D 216 4.21 13.82 22.87
C GLN D 216 2.91 13.14 22.42
N LEU D 217 2.03 13.87 21.75
CA LEU D 217 0.80 13.29 21.18
C LEU D 217 1.12 12.23 20.14
N LEU D 218 2.07 12.55 19.26
CA LEU D 218 2.59 11.60 18.27
C LEU D 218 3.11 10.32 18.95
N GLU D 219 3.93 10.49 20.00
CA GLU D 219 4.43 9.38 20.82
C GLU D 219 3.36 8.58 21.54
N GLU D 220 2.43 9.26 22.22
CA GLU D 220 1.44 8.58 23.05
C GLU D 220 0.55 7.71 22.19
N GLY D 221 0.46 8.07 20.90
CA GLY D 221 -0.38 7.39 19.92
C GLY D 221 0.06 5.94 19.69
N TRP D 222 1.37 5.74 19.53
CA TRP D 222 1.93 4.39 19.33
C TRP D 222 1.50 3.39 20.39
N ASP D 223 1.72 3.70 21.66
CA ASP D 223 1.38 2.77 22.74
C ASP D 223 -0.13 2.50 22.79
N GLN D 224 -0.94 3.51 22.48
CA GLN D 224 -2.39 3.34 22.44
C GLN D 224 -2.84 2.42 21.29
N ARG D 225 -2.36 2.68 20.08
CA ARG D 225 -2.68 1.90 18.87
C ARG D 225 -2.09 0.49 18.87
N ALA D 226 -0.90 0.32 19.43
CA ALA D 226 -0.23 -0.99 19.41
C ALA D 226 -0.99 -2.02 20.23
N PRO D 227 -1.47 -3.10 19.58
CA PRO D 227 -2.15 -4.18 20.33
C PRO D 227 -1.30 -4.81 21.44
N ILE D 228 0.02 -4.76 21.32
CA ILE D 228 0.92 -5.29 22.37
C ILE D 228 1.68 -4.17 23.08
N GLY D 229 1.18 -2.94 22.89
CA GLY D 229 1.79 -1.79 23.52
C GLY D 229 3.13 -1.44 22.90
N TRP D 230 3.66 -0.31 23.31
CA TRP D 230 4.94 0.14 22.80
C TRP D 230 5.65 0.93 23.89
N ASN D 231 6.87 0.48 24.20
CA ASN D 231 7.73 1.11 25.17
C ASN D 231 8.90 1.83 24.52
N MET D 232 8.69 3.12 24.35
CA MET D 232 9.66 4.10 23.90
C MET D 232 11.06 4.03 24.53
N LYS D 233 11.15 3.46 25.73
CA LYS D 233 12.43 3.43 26.47
C LYS D 233 13.14 2.08 26.38
N ASP D 234 12.58 1.18 25.57
CA ASP D 234 13.13 -0.15 25.42
C ASP D 234 13.51 -0.30 23.96
N ALA D 235 14.80 -0.25 23.67
CA ALA D 235 15.29 -0.41 22.29
C ALA D 235 15.45 -1.87 21.88
N THR D 236 15.30 -2.81 22.82
CA THR D 236 15.67 -4.19 22.52
C THR D 236 14.70 -4.98 21.60
N PRO D 237 13.37 -4.66 21.58
CA PRO D 237 12.53 -5.36 20.60
C PRO D 237 12.86 -5.03 19.14
N VAL D 238 13.35 -3.81 18.89
CA VAL D 238 13.81 -3.44 17.55
C VAL D 238 15.21 -4.02 17.25
N ALA D 239 16.07 -4.05 18.26
CA ALA D 239 17.35 -4.77 18.18
C ALA D 239 17.14 -6.22 17.78
N LYS D 240 16.21 -6.91 18.45
CA LYS D 240 15.92 -8.32 18.20
C LYS D 240 15.46 -8.53 16.75
N THR D 241 14.63 -7.60 16.29
CA THR D 241 14.06 -7.61 14.94
C THR D 241 15.15 -7.48 13.86
N VAL D 242 16.10 -6.59 14.09
CA VAL D 242 17.23 -6.46 13.18
C VAL D 242 18.06 -7.76 13.14
N CYS D 243 18.23 -8.40 14.29
CA CYS D 243 18.96 -9.66 14.37
C CYS D 243 18.19 -10.80 13.69
N ALA D 244 16.86 -10.81 13.82
CA ALA D 244 16.04 -11.76 13.10
C ALA D 244 16.35 -11.68 11.60
N LEU D 245 16.49 -10.46 11.09
CA LEU D 245 16.77 -10.24 9.68
C LEU D 245 18.21 -10.47 9.25
N LEU D 246 19.16 -10.26 10.18
CA LEU D 246 20.56 -10.61 9.93
C LEU D 246 20.75 -12.12 9.94
N SER D 247 19.77 -12.83 10.48
CA SER D 247 19.88 -14.27 10.67
C SER D 247 19.40 -15.05 9.44
N ASP D 248 19.45 -16.38 9.51
CA ASP D 248 19.09 -17.24 8.40
C ASP D 248 17.60 -17.58 8.42
N TRP D 249 16.84 -16.90 9.27
CA TRP D 249 15.46 -17.28 9.55
C TRP D 249 14.41 -16.47 8.82
N LEU D 250 14.86 -15.44 8.11
CA LEU D 250 14.07 -14.71 7.15
C LEU D 250 14.74 -14.81 5.76
N PRO D 251 14.87 -16.05 5.23
CA PRO D 251 15.71 -16.25 4.05
C PRO D 251 15.09 -15.77 2.71
N ALA D 252 13.78 -15.53 2.67
CA ALA D 252 13.05 -15.23 1.41
C ALA D 252 12.41 -13.84 1.38
N THR D 253 12.92 -12.92 2.20
CA THR D 253 12.39 -11.58 2.23
C THR D 253 13.51 -10.61 1.83
N THR D 254 13.31 -9.84 0.76
CA THR D 254 14.20 -8.69 0.37
C THR D 254 13.45 -7.51 -0.19
N GLY D 255 14.16 -6.39 -0.34
CA GLY D 255 13.58 -5.11 -0.78
C GLY D 255 12.35 -4.74 0.04
N ASP D 256 12.33 -5.16 1.29
CA ASP D 256 11.10 -5.10 2.08
C ASP D 256 11.24 -4.28 3.35
N ILE D 257 10.14 -4.22 4.13
CA ILE D 257 10.08 -3.42 5.35
C ILE D 257 9.43 -4.27 6.43
N ILE D 258 10.21 -4.53 7.50
CA ILE D 258 9.64 -5.22 8.65
C ILE D 258 9.30 -4.18 9.69
N TYR D 259 8.11 -4.28 10.26
CA TYR D 259 7.59 -3.25 11.14
C TYR D 259 7.73 -3.67 12.57
N ALA D 260 8.66 -3.04 13.27
CA ALA D 260 8.92 -3.36 14.66
C ALA D 260 8.37 -2.21 15.50
N ASP D 261 7.04 -2.14 15.60
CA ASP D 261 6.37 -0.96 16.11
C ASP D 261 5.18 -1.24 17.04
N GLY D 262 5.14 -2.45 17.60
CA GLY D 262 4.03 -2.87 18.44
C GLY D 262 2.75 -3.17 17.66
N GLY D 263 2.81 -3.12 16.33
CA GLY D 263 1.62 -3.21 15.48
C GLY D 263 0.84 -1.91 15.35
N ALA D 264 1.44 -0.81 15.80
CA ALA D 264 0.75 0.51 15.74
C ALA D 264 0.26 0.87 14.33
N HIS D 265 1.06 0.57 13.32
CA HIS D 265 0.73 0.96 11.94
C HIS D 265 -0.40 0.11 11.32
N THR D 266 -0.82 -0.93 12.03
CA THR D 266 -1.90 -1.77 11.49
C THR D 266 -3.27 -1.37 12.05
N GLN D 267 -3.28 -0.30 12.86
CA GLN D 267 -4.43 0.10 13.68
C GLN D 267 -4.67 1.59 13.55
N LEU D 268 -5.94 1.98 13.38
CA LEU D 268 -6.28 3.37 13.15
C LEU D 268 -6.45 4.12 14.47
N LEU D 269 -7.12 3.50 15.43
CA LEU D 269 -7.00 3.94 16.85
C LEU D 269 -7.25 2.85 17.90
PA NAD E . -2.65 -27.77 1.27
O1A NAD E . -3.68 -28.55 0.56
O2A NAD E . -1.40 -28.53 1.51
O5B NAD E . -3.27 -27.15 2.63
C5B NAD E . -4.62 -26.79 2.80
C4B NAD E . -5.10 -27.40 4.11
O4B NAD E . -6.35 -26.83 4.48
C3B NAD E . -5.32 -28.90 3.96
O3B NAD E . -4.60 -29.61 4.97
C2B NAD E . -6.82 -29.05 4.15
O2B NAD E . -7.21 -30.28 4.72
C1B NAD E . -7.11 -27.86 5.04
N9A NAD E . -8.55 -27.62 5.12
C8A NAD E . -9.40 -27.42 4.07
N7A NAD E . -10.64 -27.29 4.58
C5A NAD E . -10.60 -27.41 5.92
C6A NAD E . -11.59 -27.35 6.90
N6A NAD E . -12.86 -27.57 6.55
N1A NAD E . -11.21 -27.54 8.22
C2A NAD E . -9.89 -27.76 8.56
N3A NAD E . -8.91 -27.83 7.58
C4A NAD E . -9.27 -27.64 6.28
O3 NAD E . -2.29 -26.46 0.42
PN NAD E . -1.10 -25.48 0.82
O1N NAD E . -0.44 -25.05 -0.43
O2N NAD E . -0.23 -26.09 1.88
O5D NAD E . -1.84 -24.23 1.51
C5D NAD E . -1.73 -23.90 2.90
C4D NAD E . -1.96 -22.41 3.14
O4D NAD E . -0.95 -21.67 2.46
C3D NAD E . -3.30 -21.94 2.57
O3D NAD E . -3.86 -20.91 3.36
C2D NAD E . -2.90 -21.34 1.24
O2D NAD E . -3.88 -20.44 0.73
C1D NAD E . -1.57 -20.70 1.63
N1N NAD E . -0.66 -20.36 0.54
C2N NAD E . -0.27 -21.32 -0.37
C3N NAD E . 0.61 -20.96 -1.38
C7N NAD E . 1.19 -22.02 -2.25
O7N NAD E . 1.89 -21.62 -3.38
N7N NAD E . 1.05 -23.31 -1.96
C4N NAD E . 1.09 -19.65 -1.47
C5N NAD E . 0.68 -18.70 -0.52
C6N NAD E . -0.19 -19.08 0.48
CL1 8PC F . -8.85 -24.73 -3.42
C17 8PC F . -7.29 -24.07 -2.93
C16 8PC F . -6.82 -24.36 -1.67
C15 8PC F . -5.59 -23.84 -1.30
CL2 8PC F . -5.02 -24.22 0.33
C14 8PC F . -4.87 -23.04 -2.18
C19 8PC F . -5.36 -22.77 -3.45
C22 8PC F . -6.58 -23.30 -3.81
O13 8PC F . -3.66 -22.55 -1.81
C2 8PC F . -2.83 -21.85 -2.64
C3 8PC F . -2.00 -22.52 -3.52
C4 8PC F . -1.16 -21.77 -4.35
C5 8PC F . -1.13 -20.38 -4.29
C6 8PC F . -1.97 -19.72 -3.40
C1 8PC F . -2.81 -20.46 -2.57
O22 8PC F . -3.65 -19.84 -1.71
C7 8PC F . -0.19 -19.59 -5.17
C23 8PC F . -0.76 -19.39 -6.54
N24 8PC F . -0.25 -20.07 -7.59
C25 8PC F . -0.74 -19.91 -8.84
C26 8PC F . -1.79 -19.02 -9.10
C27 8PC F . -2.32 -18.28 -8.03
C28 8PC F . -1.81 -18.48 -6.75
PA NAD G . -27.79 3.71 4.30
O1A NAD G . -28.35 2.98 5.46
O2A NAD G . -28.66 4.82 3.88
O5B NAD G . -27.53 2.70 3.04
C5B NAD G . -27.56 1.30 3.11
C4B NAD G . -28.40 0.81 1.93
O4B NAD G . -28.12 -0.56 1.64
C3B NAD G . -29.89 0.90 2.26
O3B NAD G . -30.59 1.65 1.28
C2B NAD G . -30.36 -0.54 2.22
O2B NAD G . -31.70 -0.68 1.80
C1B NAD G . -29.36 -1.17 1.26
N9A NAD G . -29.47 -2.66 1.40
C8A NAD G . -29.29 -3.42 2.52
N7A NAD G . -29.53 -4.72 2.22
C5A NAD G . -29.88 -4.79 0.91
C6A NAD G . -30.23 -5.84 0.07
N6A NAD G . -30.46 -7.05 0.55
N1A NAD G . -30.53 -5.58 -1.26
C2A NAD G . -30.50 -4.31 -1.76
N3A NAD G . -30.15 -3.26 -0.92
C4A NAD G . -29.84 -3.50 0.39
O3 NAD G . -26.31 4.22 4.70
PN NAD G . -25.22 4.77 3.65
O1N NAD G . -24.08 5.27 4.46
O2N NAD G . -25.91 5.66 2.69
O5D NAD G . -24.70 3.43 2.91
C5D NAD G . -24.31 3.41 1.54
C4D NAD G . -22.92 2.79 1.32
O4D NAD G . -21.90 3.71 1.68
C3D NAD G . -22.70 1.55 2.18
O3D NAD G . -22.06 0.59 1.38
C2D NAD G . -21.76 2.04 3.28
O2D NAD G . -21.01 0.95 3.76
C1D NAD G . -20.95 3.12 2.55
N1N NAD G . -20.26 4.16 3.35
C2N NAD G . -20.92 4.96 4.26
C3N NAD G . -20.23 5.92 5.00
C7N NAD G . -20.92 6.72 6.09
O7N NAD G . -20.15 7.20 7.16
N7N NAD G . -22.23 6.96 6.04
C4N NAD G . -18.86 6.08 4.80
C5N NAD G . -18.20 5.27 3.88
C6N NAD G . -18.91 4.31 3.15
CL1 8PC H . -25.44 -2.54 9.11
C17 8PC H . -24.51 -1.18 8.37
C16 8PC H . -24.94 -0.66 7.17
C15 8PC H . -24.24 0.38 6.59
CL2 8PC H . -24.79 1.08 5.03
C14 8PC H . -23.12 0.90 7.20
C19 8PC H . -22.68 0.37 8.42
C22 8PC H . -23.38 -0.68 9.01
O13 8PC H . -22.47 1.94 6.57
C2 8PC H . -21.54 2.73 7.19
C3 8PC H . -21.93 3.75 8.05
C4 8PC H . -20.95 4.53 8.68
C5 8PC H . -19.59 4.30 8.43
C6 8PC H . -19.21 3.28 7.55
C1 8PC H . -20.19 2.49 6.94
O22 8PC H . -19.83 1.49 6.09
C7 8PC H . -18.54 5.18 9.08
C23 8PC H . -17.92 4.61 10.34
N24 8PC H . -18.08 5.29 11.51
C25 8PC H . -17.53 4.84 12.66
C26 8PC H . -16.78 3.67 12.68
C27 8PC H . -16.60 2.97 11.50
C28 8PC H . -17.18 3.44 10.32
PA NAD I . 8.32 16.40 -21.05
O1A NAD I . 9.71 16.24 -21.52
O2A NAD I . 7.36 16.75 -22.12
O5B NAD I . 8.25 17.50 -19.87
C5B NAD I . 9.12 17.51 -18.75
C4B NAD I . 9.32 18.97 -18.36
O4B NAD I . 10.19 19.18 -17.25
C3B NAD I . 9.90 19.76 -19.52
O3B NAD I . 8.96 20.72 -19.95
C2B NAD I . 11.12 20.46 -18.94
O2B NAD I . 11.23 21.75 -19.49
C1B NAD I . 10.78 20.44 -17.46
N9A NAD I . 11.94 20.78 -16.60
C8A NAD I . 13.13 20.10 -16.47
N7A NAD I . 13.92 20.79 -15.62
C5A NAD I . 13.29 21.92 -15.21
C6A NAD I . 13.63 22.96 -14.35
N6A NAD I . 14.81 23.04 -13.75
N1A NAD I . 12.73 23.99 -14.15
C2A NAD I . 11.49 23.97 -14.77
N3A NAD I . 11.15 22.93 -15.60
C4A NAD I . 12.03 21.92 -15.84
O3 NAD I . 7.96 14.99 -20.34
PN NAD I . 6.58 14.58 -19.61
O1N NAD I . 6.53 13.12 -19.70
O2N NAD I . 5.45 15.41 -20.07
O5D NAD I . 6.92 14.88 -18.06
C5D NAD I . 6.05 15.69 -17.30
C4D NAD I . 5.84 15.18 -15.88
O4D NAD I . 4.99 14.05 -15.87
C3D NAD I . 7.14 14.76 -15.22
O3D NAD I . 7.07 15.09 -13.85
C2D NAD I . 7.13 13.25 -15.38
O2D NAD I . 7.87 12.57 -14.41
C1D NAD I . 5.64 12.95 -15.24
N1N NAD I . 5.24 11.67 -15.84
C2N NAD I . 5.49 11.36 -17.17
C3N NAD I . 5.06 10.13 -17.69
C7N NAD I . 5.34 9.69 -19.10
O7N NAD I . 5.29 8.32 -19.36
N7N NAD I . 5.66 10.51 -20.07
C4N NAD I . 4.40 9.25 -16.85
C5N NAD I . 4.15 9.59 -15.52
C6N NAD I . 4.58 10.79 -15.03
CL1 8PC J . 15.30 12.72 -17.31
C17 8PC J . 13.56 12.34 -17.21
C16 8PC J . 12.66 13.39 -17.08
C15 8PC J . 11.31 13.12 -17.01
CL2 8PC J . 10.18 14.50 -16.87
C14 8PC J . 10.83 11.81 -17.08
C19 8PC J . 11.75 10.76 -17.21
C22 8PC J . 13.11 11.02 -17.28
O13 8PC J . 9.48 11.58 -17.04
C2 8PC J . 8.95 10.34 -17.26
C3 8PC J . 8.86 9.77 -18.53
C4 8PC J . 8.31 8.48 -18.65
C5 8PC J . 7.83 7.80 -17.52
C6 8PC J . 7.91 8.40 -16.27
C1 8PC J . 8.47 9.67 -16.16
O22 8PC J . 8.59 10.28 -14.95
C7 8PC J . 7.22 6.44 -17.64
C23 8PC J . 8.25 5.34 -17.88
N24 8PC J . 8.42 4.82 -19.12
C25 8PC J . 9.33 3.85 -19.35
C26 8PC J . 10.11 3.32 -18.31
C27 8PC J . 9.94 3.83 -17.03
C28 8PC J . 9.01 4.84 -16.82
PA NAD K . 21.32 8.28 16.88
O1A NAD K . 21.68 9.71 16.99
O2A NAD K . 21.69 7.45 18.06
O5B NAD K . 21.97 7.67 15.54
C5B NAD K . 22.12 8.43 14.37
C4B NAD K . 23.49 8.11 13.80
O4B NAD K . 23.72 8.69 12.53
C3B NAD K . 24.59 8.61 14.73
O3B NAD K . 25.38 7.52 15.14
C2B NAD K . 25.38 9.55 13.83
O2B NAD K . 26.74 9.46 14.16
C1B NAD K . 25.08 9.00 12.46
N9A NAD K . 25.46 9.94 11.38
C8A NAD K . 25.04 11.23 11.16
N7A NAD K . 25.69 11.72 10.06
C5A NAD K . 26.51 10.76 9.59
C6A NAD K . 27.40 10.73 8.53
N6A NAD K . 27.67 11.84 7.85
N1A NAD K . 28.12 9.57 8.30
C2A NAD K . 27.96 8.46 9.12
N3A NAD K . 27.08 8.51 10.19
C4A NAD K . 26.38 9.64 10.43
O3 NAD K . 19.74 8.12 16.57
PN NAD K . 18.93 6.72 16.38
O1N NAD K . 17.53 6.94 16.81
O2N NAD K . 19.66 5.56 16.92
O5D NAD K . 18.94 6.58 14.77
C5D NAD K . 19.31 5.40 14.07
C4D NAD K . 18.51 5.24 12.77
O4D NAD K . 17.19 4.82 13.06
C3D NAD K . 18.33 6.53 11.99
O3D NAD K . 18.36 6.17 10.61
C2D NAD K . 16.96 7.01 12.41
O2D NAD K . 16.38 7.87 11.47
C1D NAD K . 16.21 5.70 12.53
N1N NAD K . 15.00 5.62 13.41
C2N NAD K . 15.04 6.04 14.71
C3N NAD K . 13.93 5.90 15.54
C7N NAD K . 13.89 6.55 16.90
O7N NAD K . 12.68 7.12 17.27
N7N NAD K . 14.96 6.60 17.71
C4N NAD K . 12.76 5.33 15.03
C5N NAD K . 12.74 4.88 13.71
C6N NAD K . 13.87 5.02 12.92
CL1 8PC L . 18.57 15.05 12.65
C17 8PC L . 17.74 13.53 13.06
C16 8PC L . 18.54 12.42 13.08
C15 8PC L . 17.98 11.21 13.38
CL2 8PC L . 19.10 9.85 13.38
C14 8PC L . 16.63 11.08 13.68
C19 8PC L . 15.81 12.21 13.66
C22 8PC L . 16.38 13.44 13.36
O13 8PC L . 16.14 9.82 13.99
C2 8PC L . 14.86 9.62 14.41
C3 8PC L . 14.50 9.82 15.74
C4 8PC L . 13.19 9.62 16.15
C5 8PC L . 12.22 9.21 15.23
C6 8PC L . 12.58 9.01 13.90
C1 8PC L . 13.89 9.22 13.48
O22 8PC L . 14.24 9.04 12.19
C7 8PC L . 10.78 8.97 15.67
C23 8PC L . 10.00 10.26 15.79
N24 8PC L . 9.74 10.77 17.01
C25 8PC L . 9.05 11.92 17.14
C26 8PC L . 8.58 12.59 16.00
C27 8PC L . 8.84 12.09 14.74
C28 8PC L . 9.55 10.90 14.64
#